data_6XMG
#
_entry.id   6XMG
#
_cell.length_a   1.00
_cell.length_b   1.00
_cell.length_c   1.00
_cell.angle_alpha   90.00
_cell.angle_beta   90.00
_cell.angle_gamma   90.00
#
_symmetry.space_group_name_H-M   'P 1'
#
loop_
_entity.id
_entity.type
_entity.pdbx_description
1 polymer CRISPR-Cas
2 polymer 'RNA (130-MER)'
3 polymer "RNA (5'-R(P*UP*UP*AP*AP*UP*GP*CP*GP*GP*UP*AP*GP*UP*UP*UP*AP*UP*CP*AP*CP*AP*GP*UP*U)-3')"
4 non-polymer 'ZINC ION'
#
loop_
_entity_poly.entity_id
_entity_poly.type
_entity_poly.pdbx_seq_one_letter_code
_entity_poly.pdbx_strand_id
1 'polypeptide(L)'
;MAQASSTPAVSPRPRPRYREERTLVRKLLPRPGQSKQEFRENVKKLRKAFLQFNADVSGVCQWAIQFRPRYGKPAEPTET
FWKFFLEPETSLPPNDSRSPEFRRLQAFEAAAGINGAAALDDPAFTNELRDSILAVASRPKTKEAQRLFSRLKDYQPAHR
MILAKVAAEWIESRYRRAHQNWERNYEEWKKEKQEWEQNHPELTPEIREAFNQIFQQLEVKEKRVRICPAARLLQNKDNC
QYAGKNKHSVLCNQFNEFKKNHLQGKAIKFFYKDAEKYLRCGLQSLKPNVQGPFREDWNKYLRYMNLKEETLRGKNGGRL
PHCKNLGQECEFNPHTALCKQYQQQLSSRPDLVQHDELYRKWRREYWREPRKPVFRYPSVKRHSIAKIFGENYFQADFKN
SVVGLRLDSMPAGQYLEFAFAPWPRNYRPQPGETEISSVHLHFVGTRPRIGFRFRVPHKRSRFDCTQEELDELRSRTFPR
KAQDQKFLEAARKRLLETFPGNAEQELRLLAVDLGTDSARAAFFIGKTFQQAFPLKIVKIEKLYEQWPNQKQAGDRRDAS
SKQPRPGLSRDHVGRHLQKMRAQASEIAQKRQELTGTPAPETTTDQAAKKATLQPFDLRGLTVHTARMIRDWARLNARQI
IQLAEENQVDLIVLESLRGFRPPGYENLDQEKKRRVAFFAHGRIRRKVTEKAVERGMRVVTVPYLASSKVCAECRKKQKD
NKQWEKNKKRGLFKCEGCGSQAQVDENAARVLGRVFWGEIELPTAIP
;
A
2 'polyribonucleotide'
;GGGAUGCUUACUUAGUCAUCUGGUUGGCAAACCUCCGCGGACCUUCGGGACCAAUGGAGAGGAACCCAGCCGAGAAGCAU
CGAGCCGGUAAAUGUUUACCGGCUCUGACACCAACUGUGAUAAACUACCGCAUUAA
;
C
3 'polyribonucleotide' UUAAUGCGGUAGUUUAUCACAGUU E
#
# COMPACT_ATOMS: atom_id res chain seq x y z
N PRO A 14 8.07 -15.35 -6.25
CA PRO A 14 8.84 -15.31 -7.50
C PRO A 14 9.68 -14.04 -7.63
N ARG A 15 9.06 -12.89 -7.42
CA ARG A 15 9.77 -11.63 -7.49
C ARG A 15 10.70 -11.47 -6.28
N PRO A 16 11.83 -10.79 -6.44
CA PRO A 16 12.74 -10.54 -5.31
C PRO A 16 12.32 -9.33 -4.48
N ARG A 17 11.09 -9.38 -3.96
CA ARG A 17 10.56 -8.28 -3.18
C ARG A 17 11.35 -8.08 -1.89
N TYR A 18 11.73 -9.19 -1.24
CA TYR A 18 12.46 -9.12 0.02
C TYR A 18 13.94 -8.86 -0.23
N ARG A 19 14.26 -7.60 -0.53
CA ARG A 19 15.61 -7.17 -0.84
C ARG A 19 16.32 -6.70 0.43
N GLU A 20 17.39 -5.91 0.24
CA GLU A 20 18.25 -5.44 1.32
C GLU A 20 17.81 -4.08 1.86
N GLU A 21 16.50 -3.87 1.98
CA GLU A 21 15.87 -2.62 2.35
C GLU A 21 16.01 -2.34 3.84
N ARG A 22 15.13 -1.48 4.37
CA ARG A 22 15.29 -0.75 5.64
C ARG A 22 16.26 0.40 5.45
N THR A 23 16.09 1.11 4.34
CA THR A 23 16.78 2.36 4.05
C THR A 23 16.68 3.33 5.22
N LEU A 24 17.75 4.10 5.44
CA LEU A 24 17.78 5.16 6.43
C LEU A 24 17.49 6.50 5.77
N VAL A 25 16.58 7.26 6.37
CA VAL A 25 16.22 8.60 5.89
C VAL A 25 16.29 9.57 7.06
N ARG A 26 16.59 10.83 6.76
CA ARG A 26 16.67 11.86 7.78
C ARG A 26 16.29 13.21 7.17
N LYS A 27 15.90 14.14 8.04
CA LYS A 27 15.46 15.46 7.64
C LYS A 27 16.67 16.38 7.38
N LEU A 28 16.51 17.27 6.41
CA LEU A 28 17.57 18.16 5.96
C LEU A 28 17.69 19.36 6.90
N LEU A 29 18.92 19.63 7.33
CA LEU A 29 19.16 20.65 8.34
C LEU A 29 20.08 21.74 7.80
N PRO A 30 19.80 23.00 8.13
CA PRO A 30 20.73 24.07 7.73
C PRO A 30 22.03 23.98 8.52
N ARG A 31 23.15 24.14 7.81
CA ARG A 31 24.45 24.11 8.46
C ARG A 31 24.58 25.31 9.40
N PRO A 32 25.21 25.13 10.58
CA PRO A 32 25.26 26.24 11.55
C PRO A 32 26.05 27.46 11.08
N GLY A 33 26.90 27.32 10.07
CA GLY A 33 27.78 28.42 9.72
C GLY A 33 27.83 28.84 8.27
N GLN A 34 26.80 28.51 7.49
CA GLN A 34 26.77 28.94 6.08
C GLN A 34 26.00 30.25 5.94
N SER A 35 24.70 30.24 6.25
CA SER A 35 23.83 31.41 6.15
C SER A 35 22.43 31.09 6.62
N LYS A 36 21.56 32.10 6.63
CA LYS A 36 20.12 31.88 6.86
C LYS A 36 19.28 32.07 5.60
N GLN A 37 19.70 32.94 4.68
CA GLN A 37 19.01 33.14 3.41
C GLN A 37 19.62 32.35 2.27
N GLU A 38 20.95 32.23 2.23
CA GLU A 38 21.60 31.44 1.20
C GLU A 38 21.22 29.97 1.32
N PHE A 39 20.91 29.51 2.53
CA PHE A 39 20.38 28.16 2.71
C PHE A 39 19.06 27.99 1.97
N ARG A 40 18.16 28.98 2.10
CA ARG A 40 16.94 28.97 1.31
C ARG A 40 17.24 29.10 -0.17
N GLU A 41 18.25 29.90 -0.52
CA GLU A 41 18.67 30.00 -1.91
C GLU A 41 19.22 28.68 -2.43
N ASN A 42 19.86 27.88 -1.59
CA ASN A 42 20.30 26.54 -1.97
C ASN A 42 19.14 25.58 -2.13
N VAL A 43 18.11 25.67 -1.29
CA VAL A 43 16.91 24.86 -1.48
C VAL A 43 16.22 25.26 -2.78
N LYS A 44 16.12 26.55 -3.04
CA LYS A 44 15.55 27.03 -4.29
C LYS A 44 16.39 26.62 -5.49
N LYS A 45 17.70 26.49 -5.31
CA LYS A 45 18.53 25.89 -6.36
C LYS A 45 18.14 24.44 -6.61
N LEU A 46 17.83 23.71 -5.54
CA LEU A 46 17.28 22.36 -5.70
C LEU A 46 15.90 22.41 -6.35
N ARG A 47 15.07 23.35 -5.94
CA ARG A 47 13.69 23.45 -6.41
C ARG A 47 13.59 23.71 -7.91
N LYS A 48 14.43 24.60 -8.42
CA LYS A 48 14.38 24.93 -9.85
C LYS A 48 14.73 23.71 -10.70
N ALA A 49 15.70 22.91 -10.25
CA ALA A 49 16.00 21.66 -10.92
C ALA A 49 14.96 20.58 -10.62
N PHE A 50 14.50 20.48 -9.37
CA PHE A 50 13.59 19.42 -8.99
C PHE A 50 12.28 19.48 -9.78
N LEU A 51 11.74 20.68 -9.96
CA LEU A 51 10.55 20.83 -10.78
C LEU A 51 10.84 20.50 -12.25
N GLN A 52 12.08 20.77 -12.69
CA GLN A 52 12.43 20.54 -14.09
C GLN A 52 12.40 19.06 -14.43
N PHE A 53 13.06 18.23 -13.62
CA PHE A 53 13.13 16.80 -13.89
C PHE A 53 11.76 16.14 -13.86
N ASN A 54 10.93 16.55 -12.89
CA ASN A 54 9.56 16.02 -12.82
C ASN A 54 8.77 16.41 -14.07
N ALA A 55 8.97 17.63 -14.57
CA ALA A 55 8.34 18.02 -15.83
C ALA A 55 8.94 17.29 -17.01
N ASP A 56 10.24 16.96 -16.94
CA ASP A 56 10.90 16.27 -18.04
C ASP A 56 10.36 14.84 -18.19
N VAL A 57 10.29 14.09 -17.08
CA VAL A 57 9.82 12.71 -17.15
C VAL A 57 8.35 12.66 -17.54
N SER A 58 7.57 13.65 -17.11
CA SER A 58 6.15 13.68 -17.46
C SER A 58 5.94 13.80 -18.96
N GLY A 59 6.77 14.60 -19.62
CA GLY A 59 6.64 14.76 -21.06
C GLY A 59 7.16 13.56 -21.84
N VAL A 60 8.08 12.80 -21.26
CA VAL A 60 8.62 11.62 -21.95
C VAL A 60 7.55 10.57 -22.16
N CYS A 61 6.77 10.28 -21.11
CA CYS A 61 5.72 9.28 -21.19
C CYS A 61 4.50 9.76 -21.97
N GLN A 62 4.43 11.05 -22.30
CA GLN A 62 3.37 11.55 -23.17
C GLN A 62 3.47 10.95 -24.57
N TRP A 63 4.70 10.83 -25.07
CA TRP A 63 4.92 10.36 -26.44
C TRP A 63 4.99 8.84 -26.53
N ALA A 64 5.09 8.15 -25.40
CA ALA A 64 5.29 6.71 -25.38
C ALA A 64 4.01 5.91 -25.16
N ILE A 65 2.96 6.52 -24.62
CA ILE A 65 1.74 5.76 -24.29
C ILE A 65 1.01 5.33 -25.55
N GLN A 66 1.28 5.98 -26.68
CA GLN A 66 0.62 5.60 -27.94
C GLN A 66 1.18 4.32 -28.54
N PHE A 67 2.20 3.72 -27.93
CA PHE A 67 2.82 2.50 -28.43
C PHE A 67 2.21 1.25 -27.81
N ARG A 68 1.15 1.41 -27.02
CA ARG A 68 0.57 0.30 -26.28
C ARG A 68 -0.05 -0.73 -27.22
N PRO A 69 -0.11 -1.99 -26.80
CA PRO A 69 -0.86 -2.99 -27.58
C PRO A 69 -2.33 -2.63 -27.62
N ARG A 70 -2.98 -3.01 -28.72
CA ARG A 70 -4.38 -2.64 -28.94
C ARG A 70 -5.38 -3.66 -28.42
N TYR A 71 -5.10 -4.96 -28.54
CA TYR A 71 -5.94 -6.01 -27.98
C TYR A 71 -7.37 -5.91 -28.53
N GLY A 72 -7.47 -6.13 -29.83
CA GLY A 72 -8.73 -6.05 -30.54
C GLY A 72 -8.59 -5.40 -31.89
N LYS A 73 -7.37 -4.98 -32.20
CA LYS A 73 -7.00 -4.37 -33.48
C LYS A 73 -5.73 -5.04 -33.96
N PRO A 74 -5.47 -5.03 -35.27
CA PRO A 74 -4.28 -5.71 -35.78
C PRO A 74 -3.00 -5.10 -35.22
N ALA A 75 -2.03 -5.99 -34.99
CA ALA A 75 -0.78 -5.62 -34.32
C ALA A 75 0.00 -4.61 -35.15
N GLU A 76 0.10 -3.39 -34.64
CA GLU A 76 0.89 -2.37 -35.31
C GLU A 76 2.38 -2.73 -35.25
N PRO A 77 3.19 -2.28 -36.22
CA PRO A 77 4.62 -2.56 -36.17
C PRO A 77 5.36 -1.86 -35.04
N THR A 78 4.72 -0.91 -34.35
CA THR A 78 5.34 -0.20 -33.24
C THR A 78 5.07 -0.85 -31.89
N GLU A 79 4.27 -1.92 -31.85
CA GLU A 79 3.93 -2.55 -30.58
C GLU A 79 5.12 -3.26 -29.94
N THR A 80 5.98 -3.90 -30.74
CA THR A 80 7.07 -4.69 -30.22
C THR A 80 8.18 -3.86 -29.61
N PHE A 81 8.29 -2.57 -29.96
CA PHE A 81 9.22 -1.68 -29.29
C PHE A 81 8.74 -1.32 -27.89
N TRP A 82 7.42 -1.20 -27.72
CA TRP A 82 6.83 -0.97 -26.40
C TRP A 82 7.15 -2.10 -25.45
N LYS A 83 7.07 -3.34 -25.94
CA LYS A 83 7.37 -4.51 -25.10
C LYS A 83 8.83 -4.50 -24.65
N PHE A 84 9.74 -4.19 -25.58
CA PHE A 84 11.17 -4.19 -25.24
C PHE A 84 11.52 -3.03 -24.33
N PHE A 85 11.05 -1.82 -24.67
CA PHE A 85 11.45 -0.63 -23.94
C PHE A 85 10.93 -0.64 -22.51
N LEU A 86 9.84 -1.36 -22.24
CA LEU A 86 9.30 -1.42 -20.88
C LEU A 86 9.80 -2.65 -20.14
N GLU A 87 9.96 -3.77 -20.84
CA GLU A 87 10.41 -5.04 -20.25
C GLU A 87 11.57 -5.59 -21.08
N PRO A 88 12.77 -5.03 -20.92
CA PRO A 88 13.90 -5.47 -21.74
C PRO A 88 14.53 -6.75 -21.24
N GLU A 89 14.43 -7.03 -19.93
CA GLU A 89 15.17 -8.14 -19.34
C GLU A 89 14.72 -9.48 -19.92
N THR A 90 13.42 -9.65 -20.15
CA THR A 90 12.94 -10.91 -20.72
C THR A 90 13.19 -10.97 -22.22
N SER A 91 13.34 -9.82 -22.88
CA SER A 91 13.56 -9.76 -24.32
C SER A 91 15.03 -9.63 -24.70
N LEU A 92 15.94 -9.66 -23.73
CA LEU A 92 17.35 -9.49 -23.99
C LEU A 92 18.13 -10.71 -23.53
N PRO A 93 19.27 -11.01 -24.15
CA PRO A 93 20.12 -12.10 -23.68
C PRO A 93 20.62 -11.82 -22.26
N PRO A 94 20.81 -12.86 -21.45
CA PRO A 94 21.21 -12.65 -20.05
C PRO A 94 22.63 -12.12 -19.89
N ASN A 95 23.38 -12.05 -21.00
CA ASN A 95 24.77 -11.59 -20.97
C ASN A 95 24.92 -10.16 -21.47
N ASP A 96 24.01 -9.27 -21.07
CA ASP A 96 24.10 -7.87 -21.44
C ASP A 96 25.43 -7.27 -20.96
N SER A 97 26.03 -6.46 -21.82
CA SER A 97 27.37 -5.93 -21.54
C SER A 97 27.31 -4.76 -20.56
N ARG A 98 26.60 -3.69 -20.94
CA ARG A 98 26.60 -2.47 -20.11
C ARG A 98 25.52 -2.52 -19.03
N SER A 99 24.25 -2.58 -19.44
CA SER A 99 23.13 -2.56 -18.52
C SER A 99 21.82 -2.85 -19.25
N PRO A 100 20.87 -3.55 -18.62
CA PRO A 100 19.54 -3.67 -19.24
C PRO A 100 18.86 -2.33 -19.45
N GLU A 101 19.09 -1.36 -18.55
CA GLU A 101 18.54 -0.03 -18.74
C GLU A 101 19.26 0.72 -19.85
N PHE A 102 20.51 0.33 -20.13
CA PHE A 102 21.25 0.97 -21.21
C PHE A 102 20.65 0.67 -22.57
N ARG A 103 20.17 -0.56 -22.76
CA ARG A 103 19.55 -0.94 -24.03
C ARG A 103 18.26 -0.17 -24.28
N ARG A 104 17.44 0.01 -23.24
CA ARG A 104 16.21 0.76 -23.42
C ARG A 104 16.48 2.23 -23.69
N LEU A 105 17.61 2.74 -23.24
CA LEU A 105 17.96 4.15 -23.48
C LEU A 105 18.21 4.41 -24.96
N GLN A 106 19.04 3.57 -25.59
CA GLN A 106 19.31 3.74 -27.01
C GLN A 106 18.06 3.49 -27.86
N ALA A 107 17.26 2.49 -27.49
CA ALA A 107 16.02 2.25 -28.22
C ALA A 107 15.07 3.44 -28.09
N PHE A 108 14.96 4.00 -26.89
CA PHE A 108 14.15 5.21 -26.71
C PHE A 108 14.76 6.39 -27.46
N GLU A 109 16.09 6.53 -27.42
CA GLU A 109 16.75 7.61 -28.14
C GLU A 109 16.56 7.47 -29.65
N ALA A 110 16.76 6.26 -30.17
CA ALA A 110 16.62 6.03 -31.60
C ALA A 110 15.17 6.21 -32.06
N ALA A 111 14.21 5.74 -31.24
CA ALA A 111 12.81 5.93 -31.59
C ALA A 111 12.45 7.41 -31.62
N ALA A 112 12.95 8.18 -30.67
CA ALA A 112 12.75 9.62 -30.66
C ALA A 112 13.82 10.29 -31.51
N GLY A 113 13.89 11.61 -31.42
CA GLY A 113 14.87 12.40 -32.14
C GLY A 113 16.08 12.81 -31.33
N ILE A 114 16.29 12.24 -30.15
CA ILE A 114 17.37 12.65 -29.26
C ILE A 114 18.59 11.76 -29.45
N ASN A 115 18.61 10.99 -30.54
CA ASN A 115 19.74 10.14 -30.88
C ASN A 115 20.54 10.84 -31.97
N GLY A 116 21.63 11.51 -31.57
CA GLY A 116 22.47 12.19 -32.53
C GLY A 116 23.34 11.27 -33.36
N ALA A 117 23.55 10.04 -32.90
CA ALA A 117 24.38 9.07 -33.61
C ALA A 117 23.59 7.95 -34.25
N ALA A 118 22.36 7.71 -33.79
CA ALA A 118 21.49 6.66 -34.34
C ALA A 118 22.18 5.30 -34.27
N ALA A 119 22.43 4.84 -33.04
CA ALA A 119 23.14 3.59 -32.79
C ALA A 119 22.21 2.43 -32.50
N LEU A 120 21.01 2.39 -33.11
CA LEU A 120 20.08 1.29 -32.88
C LEU A 120 20.56 -0.03 -33.46
N ASP A 121 21.59 -0.01 -34.31
CA ASP A 121 22.14 -1.24 -34.89
C ASP A 121 23.07 -1.91 -33.89
N ASP A 122 22.45 -2.52 -32.89
CA ASP A 122 23.19 -3.23 -31.85
C ASP A 122 23.03 -4.74 -32.01
N PRO A 123 24.06 -5.51 -31.67
CA PRO A 123 23.93 -6.98 -31.74
C PRO A 123 22.83 -7.52 -30.85
N ALA A 124 22.60 -6.90 -29.70
CA ALA A 124 21.58 -7.35 -28.76
C ALA A 124 20.16 -6.97 -29.19
N PHE A 125 20.01 -6.17 -30.24
CA PHE A 125 18.70 -5.75 -30.73
C PHE A 125 18.23 -6.75 -31.78
N THR A 126 17.06 -7.33 -31.56
CA THR A 126 16.52 -8.33 -32.46
C THR A 126 15.90 -7.66 -33.70
N ASN A 127 15.58 -8.49 -34.70
CA ASN A 127 14.99 -7.98 -35.92
C ASN A 127 13.60 -7.40 -35.67
N GLU A 128 12.84 -8.03 -34.75
CA GLU A 128 11.52 -7.51 -34.40
C GLU A 128 11.61 -6.13 -33.75
N LEU A 129 12.77 -5.82 -33.16
CA LEU A 129 12.98 -4.52 -32.52
C LEU A 129 13.58 -3.50 -33.48
N ARG A 130 14.45 -3.94 -34.39
CA ARG A 130 15.12 -3.02 -35.30
C ARG A 130 14.14 -2.31 -36.21
N ASP A 131 13.19 -3.05 -36.79
CA ASP A 131 12.22 -2.44 -37.69
C ASP A 131 11.17 -1.64 -36.92
N SER A 132 10.87 -2.05 -35.69
CA SER A 132 9.85 -1.35 -34.90
C SER A 132 10.32 0.05 -34.52
N ILE A 133 11.61 0.20 -34.21
CA ILE A 133 12.15 1.51 -33.85
C ILE A 133 12.01 2.49 -35.01
N LEU A 134 12.32 2.03 -36.22
CA LEU A 134 12.15 2.84 -37.41
C LEU A 134 10.69 3.18 -37.70
N ALA A 135 9.76 2.26 -37.46
CA ALA A 135 8.35 2.56 -37.63
C ALA A 135 7.85 3.56 -36.60
N VAL A 136 8.41 3.56 -35.40
CA VAL A 136 8.03 4.52 -34.38
C VAL A 136 8.40 5.95 -34.78
N ALA A 137 9.61 6.15 -35.32
CA ALA A 137 10.05 7.48 -35.70
C ALA A 137 9.21 8.08 -36.82
N SER A 138 8.54 7.25 -37.62
CA SER A 138 7.69 7.74 -38.70
C SER A 138 6.26 7.93 -38.19
N ARG A 139 6.17 8.66 -37.08
CA ARG A 139 4.90 8.99 -36.44
C ARG A 139 5.04 10.36 -35.80
N PRO A 140 4.02 11.22 -35.90
CA PRO A 140 4.10 12.53 -35.27
C PRO A 140 4.10 12.46 -33.76
N LYS A 141 4.76 13.43 -33.14
CA LYS A 141 4.86 13.51 -31.69
C LYS A 141 3.73 14.38 -31.13
N THR A 142 3.77 14.56 -29.80
CA THR A 142 2.70 15.25 -29.09
C THR A 142 2.88 16.76 -29.05
N LYS A 143 3.93 17.29 -29.68
CA LYS A 143 4.21 18.73 -29.73
C LYS A 143 4.60 19.25 -28.36
N GLU A 144 4.54 18.39 -27.34
CA GLU A 144 5.08 18.70 -26.02
C GLU A 144 6.44 18.06 -25.85
N ALA A 145 6.58 16.81 -26.30
CA ALA A 145 7.89 16.16 -26.32
C ALA A 145 8.82 16.78 -27.35
N GLN A 146 8.27 17.41 -28.40
CA GLN A 146 9.10 18.00 -29.43
C GLN A 146 10.02 19.08 -28.86
N ARG A 147 9.45 19.97 -28.04
CA ARG A 147 10.29 20.94 -27.35
C ARG A 147 11.04 20.30 -26.19
N LEU A 148 10.50 19.23 -25.61
CA LEU A 148 11.20 18.50 -24.56
C LEU A 148 12.41 17.76 -25.12
N PHE A 149 12.24 17.09 -26.27
CA PHE A 149 13.32 16.31 -26.86
C PHE A 149 14.51 17.19 -27.20
N SER A 150 14.26 18.38 -27.74
CA SER A 150 15.33 19.34 -27.95
C SER A 150 15.94 19.78 -26.61
N ARG A 151 15.09 19.95 -25.60
CA ARG A 151 15.58 20.33 -24.28
C ARG A 151 16.36 19.18 -23.63
N LEU A 152 15.94 17.94 -23.87
CA LEU A 152 16.64 16.79 -23.29
C LEU A 152 18.04 16.64 -23.89
N LYS A 153 18.30 17.26 -25.04
CA LYS A 153 19.61 17.21 -25.67
C LYS A 153 20.67 18.03 -24.94
N ASP A 154 20.27 18.83 -23.94
CA ASP A 154 21.20 19.68 -23.22
C ASP A 154 21.67 19.07 -21.91
N TYR A 155 21.38 17.80 -21.66
CA TYR A 155 21.79 17.11 -20.45
C TYR A 155 22.95 16.16 -20.74
N GLN A 156 23.67 15.82 -19.68
CA GLN A 156 24.75 14.85 -19.80
C GLN A 156 24.15 13.47 -20.07
N PRO A 157 24.84 12.61 -20.84
CA PRO A 157 24.31 11.26 -21.10
C PRO A 157 24.02 10.48 -19.82
N ALA A 158 24.76 10.77 -18.75
CA ALA A 158 24.48 10.14 -17.47
C ALA A 158 23.10 10.54 -16.95
N HIS A 159 22.73 11.81 -17.12
CA HIS A 159 21.39 12.27 -16.74
C HIS A 159 20.33 11.57 -17.59
N ARG A 160 20.55 11.53 -18.90
CA ARG A 160 19.60 10.85 -19.78
C ARG A 160 19.57 9.35 -19.49
N MET A 161 20.67 8.79 -18.98
CA MET A 161 20.65 7.41 -18.51
C MET A 161 19.66 7.23 -17.37
N ILE A 162 19.69 8.13 -16.39
CA ILE A 162 18.77 8.06 -15.27
C ILE A 162 17.36 8.44 -15.72
N LEU A 163 17.26 9.52 -16.49
CA LEU A 163 15.95 10.06 -16.87
C LEU A 163 15.14 9.08 -17.70
N ALA A 164 15.78 8.44 -18.68
CA ALA A 164 15.06 7.52 -19.56
C ALA A 164 14.59 6.28 -18.80
N LYS A 165 15.44 5.73 -17.94
CA LYS A 165 15.09 4.49 -17.26
C LYS A 165 13.97 4.69 -16.25
N VAL A 166 13.97 5.82 -15.54
CA VAL A 166 12.89 6.09 -14.59
C VAL A 166 11.61 6.45 -15.32
N ALA A 167 11.74 7.03 -16.52
CA ALA A 167 10.56 7.33 -17.32
C ALA A 167 9.86 6.05 -17.76
N ALA A 168 10.63 5.02 -18.13
CA ALA A 168 10.05 3.75 -18.50
C ALA A 168 9.35 3.08 -17.31
N GLU A 169 10.02 3.08 -16.15
CA GLU A 169 9.47 2.44 -14.95
C GLU A 169 8.14 3.07 -14.55
N TRP A 170 7.97 4.35 -14.84
CA TRP A 170 6.68 5.00 -14.62
C TRP A 170 5.60 4.34 -15.47
N ILE A 171 5.94 4.03 -16.73
CA ILE A 171 4.97 3.42 -17.64
C ILE A 171 4.83 1.94 -17.36
N GLU A 172 5.89 1.31 -16.84
CA GLU A 172 5.92 -0.14 -16.70
C GLU A 172 4.77 -0.68 -15.87
N SER A 173 4.68 -0.26 -14.61
CA SER A 173 3.74 -0.88 -13.68
C SER A 173 2.36 -0.23 -13.77
N ARG A 174 2.33 1.10 -13.86
CA ARG A 174 1.06 1.82 -13.81
C ARG A 174 0.16 1.45 -14.99
N TYR A 175 0.73 1.38 -16.19
CA TYR A 175 -0.10 1.18 -17.39
C TYR A 175 0.03 -0.23 -17.97
N ARG A 176 1.26 -0.66 -18.29
CA ARG A 176 1.43 -1.87 -19.08
C ARG A 176 0.93 -3.10 -18.33
N ARG A 177 1.35 -3.26 -17.07
CA ARG A 177 0.85 -4.38 -16.26
C ARG A 177 -0.65 -4.26 -16.03
N ALA A 178 -1.13 -3.04 -15.76
CA ALA A 178 -2.56 -2.83 -15.59
C ALA A 178 -3.32 -3.09 -16.89
N HIS A 179 -2.77 -2.63 -18.02
CA HIS A 179 -3.43 -2.85 -19.30
C HIS A 179 -3.45 -4.32 -19.67
N GLN A 180 -2.32 -5.02 -19.46
CA GLN A 180 -2.30 -6.46 -19.72
C GLN A 180 -3.19 -7.22 -18.75
N ASN A 181 -3.23 -6.78 -17.49
CA ASN A 181 -4.17 -7.38 -16.54
C ASN A 181 -5.60 -7.14 -16.99
N TRP A 182 -5.89 -5.94 -17.51
CA TRP A 182 -7.22 -5.67 -18.04
C TRP A 182 -7.54 -6.54 -19.23
N GLU A 183 -6.53 -6.90 -20.03
CA GLU A 183 -6.76 -7.85 -21.13
C GLU A 183 -7.25 -9.18 -20.60
N ARG A 184 -6.60 -9.69 -19.55
CA ARG A 184 -7.07 -10.90 -18.90
C ARG A 184 -8.44 -10.68 -18.28
N ASN A 185 -8.64 -9.52 -17.66
CA ASN A 185 -9.94 -9.19 -17.09
C ASN A 185 -11.01 -9.09 -18.17
N TYR A 186 -10.68 -8.46 -19.29
CA TYR A 186 -11.67 -8.33 -20.37
C TYR A 186 -11.96 -9.68 -21.01
N GLU A 187 -10.94 -10.53 -21.19
CA GLU A 187 -11.19 -11.91 -21.62
C GLU A 187 -12.03 -12.65 -20.60
N GLU A 188 -11.72 -12.48 -19.32
CA GLU A 188 -12.53 -13.11 -18.27
C GLU A 188 -13.96 -12.57 -18.29
N TRP A 189 -14.11 -11.25 -18.48
CA TRP A 189 -15.44 -10.67 -18.55
C TRP A 189 -16.16 -11.08 -19.82
N LYS A 190 -15.44 -11.16 -20.94
CA LYS A 190 -16.03 -11.63 -22.19
C LYS A 190 -16.52 -13.07 -22.04
N LYS A 191 -15.68 -13.94 -21.48
CA LYS A 191 -16.08 -15.33 -21.26
C LYS A 191 -17.24 -15.41 -20.30
N GLU A 192 -17.22 -14.59 -19.24
CA GLU A 192 -18.32 -14.58 -18.29
C GLU A 192 -19.61 -14.09 -18.92
N LYS A 193 -19.53 -13.00 -19.69
CA LYS A 193 -20.75 -12.41 -20.25
C LYS A 193 -21.29 -13.24 -21.42
N GLN A 194 -20.40 -13.80 -22.25
CA GLN A 194 -20.86 -14.60 -23.38
C GLN A 194 -21.56 -15.87 -22.91
N GLU A 195 -20.99 -16.56 -21.93
CA GLU A 195 -21.63 -17.74 -21.37
C GLU A 195 -22.93 -17.36 -20.65
N TRP A 196 -22.93 -16.23 -19.95
CA TRP A 196 -24.12 -15.78 -19.23
C TRP A 196 -25.29 -15.50 -20.16
N GLU A 197 -25.02 -15.20 -21.44
CA GLU A 197 -26.11 -14.97 -22.39
C GLU A 197 -26.93 -16.24 -22.59
N GLN A 198 -26.26 -17.39 -22.70
CA GLN A 198 -26.96 -18.66 -22.87
C GLN A 198 -27.21 -19.39 -21.57
N ASN A 199 -26.40 -19.14 -20.54
CA ASN A 199 -26.60 -19.79 -19.24
C ASN A 199 -27.69 -19.13 -18.41
N HIS A 200 -28.10 -17.92 -18.76
CA HIS A 200 -29.19 -17.22 -18.07
C HIS A 200 -30.18 -16.66 -19.08
N PRO A 201 -30.92 -17.52 -19.77
CA PRO A 201 -31.94 -17.06 -20.72
C PRO A 201 -33.36 -17.02 -20.16
N GLU A 202 -33.53 -17.25 -18.86
CA GLU A 202 -34.85 -17.33 -18.26
C GLU A 202 -35.63 -16.02 -18.37
N LEU A 203 -34.97 -14.89 -18.09
CA LEU A 203 -35.61 -13.58 -18.17
C LEU A 203 -34.70 -12.53 -18.80
N THR A 204 -33.48 -12.90 -19.17
CA THR A 204 -32.58 -11.91 -19.76
C THR A 204 -31.88 -12.42 -21.01
N PRO A 205 -32.60 -12.70 -22.10
CA PRO A 205 -31.91 -12.95 -23.37
C PRO A 205 -31.50 -11.65 -24.04
N GLU A 206 -32.39 -10.66 -23.99
CA GLU A 206 -32.09 -9.30 -24.43
C GLU A 206 -32.57 -8.22 -23.47
N ILE A 207 -33.40 -8.56 -22.48
CA ILE A 207 -33.91 -7.55 -21.55
C ILE A 207 -32.81 -6.99 -20.66
N ARG A 208 -31.69 -7.71 -20.49
CA ARG A 208 -30.58 -7.18 -19.72
C ARG A 208 -30.04 -5.90 -20.34
N GLU A 209 -30.15 -5.77 -21.67
CA GLU A 209 -29.79 -4.52 -22.33
C GLU A 209 -30.88 -3.48 -22.17
N ALA A 210 -32.14 -3.89 -22.06
CA ALA A 210 -33.23 -2.93 -21.87
C ALA A 210 -33.11 -2.23 -20.53
N PHE A 211 -32.71 -2.95 -19.48
CA PHE A 211 -32.50 -2.33 -18.17
C PHE A 211 -31.34 -1.35 -18.19
N ASN A 212 -30.41 -1.51 -19.13
CA ASN A 212 -29.26 -0.60 -19.20
C ASN A 212 -29.69 0.78 -19.70
N GLN A 213 -30.64 0.81 -20.63
CA GLN A 213 -31.12 2.10 -21.16
C GLN A 213 -31.81 2.90 -20.07
N ILE A 214 -32.62 2.25 -19.24
CA ILE A 214 -33.33 2.93 -18.17
C ILE A 214 -32.43 3.08 -16.95
N PRO A 229 -24.06 0.39 -4.74
CA PRO A 229 -25.44 0.47 -5.24
C PRO A 229 -26.37 -0.38 -4.39
N ALA A 230 -26.13 -0.39 -3.08
CA ALA A 230 -26.98 -1.16 -2.17
C ALA A 230 -28.41 -0.63 -2.17
N ALA A 231 -28.56 0.69 -2.15
CA ALA A 231 -29.90 1.29 -2.19
C ALA A 231 -30.57 1.03 -3.53
N ARG A 232 -29.81 1.10 -4.63
CA ARG A 232 -30.39 0.87 -5.95
C ARG A 232 -30.85 -0.57 -6.09
N LEU A 233 -30.07 -1.53 -5.57
CA LEU A 233 -30.44 -2.94 -5.70
C LEU A 233 -31.74 -3.24 -4.97
N LEU A 234 -31.92 -2.67 -3.78
CA LEU A 234 -33.14 -2.90 -3.02
C LEU A 234 -34.37 -2.33 -3.74
N GLN A 235 -34.23 -1.15 -4.32
CA GLN A 235 -35.36 -0.52 -5.02
C GLN A 235 -35.63 -1.20 -6.36
N ASN A 236 -34.57 -1.59 -7.08
CA ASN A 236 -34.76 -2.22 -8.38
C ASN A 236 -35.47 -3.56 -8.27
N LYS A 237 -35.12 -4.36 -7.26
CA LYS A 237 -35.75 -5.66 -7.06
C LYS A 237 -37.02 -5.51 -6.22
N ASP A 238 -37.96 -4.73 -6.76
CA ASP A 238 -39.22 -4.46 -6.08
C ASP A 238 -40.24 -3.98 -7.10
N ASN A 239 -41.49 -3.96 -6.66
CA ASN A 239 -42.62 -3.48 -7.47
C ASN A 239 -43.02 -2.05 -7.09
N CYS A 240 -42.03 -1.22 -6.76
CA CYS A 240 -42.19 0.15 -6.29
C CYS A 240 -42.81 0.22 -4.90
N GLN A 241 -42.94 -0.93 -4.22
CA GLN A 241 -43.38 -0.92 -2.83
C GLN A 241 -42.25 -0.49 -1.90
N TYR A 242 -41.00 -0.75 -2.31
CA TYR A 242 -39.83 -0.37 -1.52
C TYR A 242 -39.55 1.13 -1.57
N ALA A 243 -40.28 1.89 -2.39
CA ALA A 243 -40.06 3.34 -2.47
C ALA A 243 -40.32 4.00 -1.12
N GLY A 244 -41.22 3.43 -0.32
CA GLY A 244 -41.46 3.96 1.02
C GLY A 244 -40.20 3.86 1.88
N LYS A 245 -39.51 2.72 1.80
CA LYS A 245 -38.25 2.57 2.53
C LYS A 245 -37.19 3.50 1.99
N ASN A 246 -37.15 3.67 0.67
CA ASN A 246 -36.17 4.57 0.06
C ASN A 246 -36.39 6.01 0.47
N LYS A 247 -37.66 6.42 0.60
CA LYS A 247 -37.97 7.80 0.96
C LYS A 247 -37.80 8.02 2.47
N HIS A 248 -38.41 7.15 3.28
CA HIS A 248 -38.32 7.32 4.73
C HIS A 248 -36.91 7.08 5.23
N SER A 249 -36.30 5.98 4.81
CA SER A 249 -34.95 5.64 5.25
C SER A 249 -33.94 5.88 4.13
N HIS A 335 -32.87 7.47 -3.13
CA HIS A 335 -32.91 6.13 -3.72
C HIS A 335 -34.22 5.91 -4.45
N THR A 336 -35.05 6.96 -4.53
CA THR A 336 -36.33 6.85 -5.22
C THR A 336 -36.17 6.76 -6.73
N ALA A 337 -35.02 7.17 -7.26
CA ALA A 337 -34.80 7.07 -8.71
C ALA A 337 -34.79 5.62 -9.18
N LEU A 338 -34.15 4.74 -8.41
CA LEU A 338 -34.14 3.33 -8.78
C LEU A 338 -35.52 2.69 -8.64
N CYS A 339 -36.30 3.13 -7.67
CA CYS A 339 -37.66 2.61 -7.52
C CYS A 339 -38.53 2.98 -8.72
N LYS A 340 -38.37 4.21 -9.23
CA LYS A 340 -39.12 4.62 -10.41
C LYS A 340 -38.75 3.78 -11.63
N GLN A 341 -37.47 3.47 -11.80
CA GLN A 341 -37.04 2.62 -12.90
C GLN A 341 -37.62 1.22 -12.78
N TYR A 342 -37.66 0.68 -11.56
CA TYR A 342 -38.27 -0.63 -11.34
C TYR A 342 -39.76 -0.61 -11.69
N GLN A 343 -40.45 0.46 -11.27
CA GLN A 343 -41.87 0.58 -11.60
C GLN A 343 -42.09 0.72 -13.10
N GLN A 344 -41.25 1.49 -13.78
CA GLN A 344 -41.37 1.64 -15.23
C GLN A 344 -41.04 0.34 -15.95
N GLN A 345 -40.15 -0.47 -15.38
CA GLN A 345 -39.81 -1.75 -15.99
C GLN A 345 -41.01 -2.67 -16.03
N LEU A 346 -41.81 -2.70 -14.96
CA LEU A 346 -43.01 -3.52 -14.94
C LEU A 346 -44.02 -3.06 -15.98
N SER A 347 -44.19 -1.75 -16.12
CA SER A 347 -45.13 -1.20 -17.09
C SER A 347 -44.58 -1.30 -18.50
N HIS A 355 -40.43 -6.66 -13.54
CA HIS A 355 -40.01 -5.80 -12.45
C HIS A 355 -38.89 -6.44 -11.64
N ASP A 356 -39.22 -6.92 -10.45
CA ASP A 356 -38.22 -7.56 -9.59
C ASP A 356 -37.73 -8.87 -10.18
N GLU A 357 -38.56 -9.52 -10.99
CA GLU A 357 -38.17 -10.80 -11.58
C GLU A 357 -36.99 -10.64 -12.53
N LEU A 358 -37.01 -9.58 -13.35
CA LEU A 358 -35.92 -9.36 -14.31
C LEU A 358 -34.79 -8.54 -13.71
N TYR A 359 -35.08 -7.71 -12.70
CA TYR A 359 -34.03 -6.90 -12.10
C TYR A 359 -33.04 -7.74 -11.30
N ARG A 360 -33.48 -8.91 -10.83
CA ARG A 360 -32.60 -9.76 -10.04
C ARG A 360 -31.42 -10.28 -10.84
N LYS A 361 -31.61 -10.50 -12.14
CA LYS A 361 -30.55 -11.01 -13.00
C LYS A 361 -29.86 -9.94 -13.83
N TRP A 362 -30.57 -8.85 -14.17
CA TRP A 362 -29.97 -7.79 -14.96
C TRP A 362 -28.84 -7.09 -14.22
N ARG A 363 -29.01 -6.83 -12.93
CA ARG A 363 -27.99 -6.15 -12.16
C ARG A 363 -26.72 -7.00 -12.03
N ARG A 364 -26.89 -8.30 -11.81
CA ARG A 364 -25.74 -9.20 -11.64
C ARG A 364 -25.05 -9.52 -12.96
N GLU A 365 -25.60 -9.11 -14.09
CA GLU A 365 -25.00 -9.44 -15.38
C GLU A 365 -23.66 -8.74 -15.58
N TYR A 366 -23.40 -7.68 -14.81
CA TYR A 366 -22.17 -6.90 -14.95
C TYR A 366 -21.98 -6.40 -16.39
N TRP A 367 -23.03 -5.79 -16.94
CA TRP A 367 -23.00 -5.32 -18.32
C TRP A 367 -21.96 -4.22 -18.54
N ARG A 368 -21.58 -3.50 -17.49
CA ARG A 368 -20.69 -2.36 -17.65
C ARG A 368 -19.33 -2.79 -18.20
N GLU A 369 -18.77 -1.96 -19.06
CA GLU A 369 -17.47 -2.21 -19.67
C GLU A 369 -16.40 -2.23 -18.59
N PRO A 370 -15.41 -3.12 -18.70
CA PRO A 370 -14.33 -3.13 -17.70
C PRO A 370 -13.54 -1.83 -17.72
N ARG A 371 -13.04 -1.45 -16.54
CA ARG A 371 -12.29 -0.20 -16.43
C ARG A 371 -11.00 -0.27 -17.22
N LYS A 372 -10.95 0.41 -18.36
CA LYS A 372 -9.76 0.42 -19.18
C LYS A 372 -8.71 1.35 -18.58
N PRO A 373 -7.42 1.05 -18.78
CA PRO A 373 -6.38 1.83 -18.11
C PRO A 373 -6.30 3.28 -18.58
N VAL A 374 -6.66 4.21 -17.70
CA VAL A 374 -6.48 5.63 -17.97
C VAL A 374 -5.14 6.06 -17.40
N PHE A 375 -4.20 6.42 -18.27
CA PHE A 375 -2.87 6.78 -17.85
C PHE A 375 -2.89 8.04 -16.99
N ARG A 376 -2.02 8.07 -15.99
CA ARG A 376 -1.80 9.24 -15.15
C ARG A 376 -0.36 9.67 -15.31
N TYR A 377 -0.11 10.95 -15.03
CA TYR A 377 1.14 11.59 -15.41
C TYR A 377 1.87 12.01 -14.14
N PRO A 378 3.20 12.02 -14.16
CA PRO A 378 3.96 12.41 -12.97
C PRO A 378 3.64 13.84 -12.55
N SER A 379 3.52 14.04 -11.24
CA SER A 379 3.19 15.34 -10.68
C SER A 379 3.92 15.54 -9.36
N VAL A 380 4.20 16.80 -9.04
CA VAL A 380 4.83 17.13 -7.76
C VAL A 380 3.90 16.82 -6.59
N LYS A 381 2.59 17.00 -6.77
CA LYS A 381 1.66 16.91 -5.66
C LYS A 381 1.60 15.49 -5.09
N ARG A 382 1.20 14.52 -5.91
CA ARG A 382 0.89 13.19 -5.41
C ARG A 382 2.06 12.21 -5.46
N HIS A 383 2.80 12.16 -6.57
CA HIS A 383 3.92 11.22 -6.71
C HIS A 383 5.05 11.88 -7.50
N SER A 384 6.01 12.44 -6.77
CA SER A 384 7.27 12.88 -7.35
C SER A 384 8.31 11.84 -6.98
N ILE A 385 8.81 11.12 -7.98
CA ILE A 385 9.70 9.98 -7.73
C ILE A 385 10.98 10.47 -7.07
N ALA A 386 11.49 9.65 -6.14
CA ALA A 386 12.76 9.94 -5.47
C ALA A 386 13.89 9.80 -6.48
N LYS A 387 14.47 10.94 -6.89
CA LYS A 387 15.51 10.94 -7.90
C LYS A 387 16.70 10.12 -7.44
N ILE A 388 17.16 9.22 -8.31
CA ILE A 388 18.18 8.24 -7.95
C ILE A 388 19.57 8.81 -8.20
N PHE A 389 20.22 9.26 -7.12
CA PHE A 389 21.57 9.81 -7.21
C PHE A 389 22.59 8.67 -7.09
N GLY A 390 22.76 7.95 -8.20
CA GLY A 390 23.55 6.73 -8.20
C GLY A 390 25.06 6.92 -8.13
N GLU A 391 25.79 6.05 -8.82
CA GLU A 391 27.24 6.08 -8.78
C GLU A 391 27.78 7.43 -9.23
N ASN A 392 28.75 7.95 -8.49
CA ASN A 392 29.37 9.25 -8.71
C ASN A 392 28.37 10.39 -8.62
N TYR A 393 27.30 10.23 -7.84
CA TYR A 393 26.27 11.26 -7.71
C TYR A 393 25.82 11.49 -6.27
N PHE A 394 26.46 10.88 -5.28
CA PHE A 394 26.05 11.03 -3.89
C PHE A 394 27.27 11.03 -2.99
N GLN A 395 27.07 11.51 -1.77
CA GLN A 395 28.11 11.48 -0.75
C GLN A 395 27.44 11.35 0.62
N ALA A 396 28.20 10.87 1.59
CA ALA A 396 27.67 10.66 2.93
C ALA A 396 28.76 10.91 3.96
N ASP A 397 28.41 11.66 5.00
CA ASP A 397 29.33 11.94 6.10
C ASP A 397 28.49 12.00 7.38
N PHE A 398 28.77 11.08 8.32
CA PHE A 398 27.97 11.02 9.54
C PHE A 398 28.76 11.39 10.79
N LYS A 399 30.10 11.42 10.71
CA LYS A 399 30.88 12.00 11.80
C LYS A 399 30.52 13.48 12.00
N ASN A 400 30.44 14.21 10.89
CA ASN A 400 29.73 15.49 10.84
C ASN A 400 28.58 15.33 9.85
N SER A 401 27.35 15.42 10.36
CA SER A 401 26.17 15.00 9.59
C SER A 401 25.90 16.04 8.51
N VAL A 402 26.72 16.00 7.46
CA VAL A 402 26.58 16.85 6.28
C VAL A 402 26.62 15.96 5.05
N VAL A 403 25.63 16.12 4.16
CA VAL A 403 25.49 15.29 2.97
C VAL A 403 26.03 16.04 1.76
N GLY A 404 26.70 15.33 0.87
CA GLY A 404 27.15 15.89 -0.39
C GLY A 404 26.10 15.78 -1.48
N LEU A 405 25.05 16.60 -1.39
CA LEU A 405 23.90 16.54 -2.30
C LEU A 405 24.23 17.35 -3.54
N ARG A 406 24.48 16.66 -4.65
CA ARG A 406 24.86 17.31 -5.89
C ARG A 406 23.72 17.27 -6.90
N LEU A 407 23.54 18.37 -7.62
CA LEU A 407 22.57 18.40 -8.69
C LEU A 407 23.22 17.97 -10.01
N ASP A 408 22.37 17.71 -11.01
CA ASP A 408 22.88 17.33 -12.33
C ASP A 408 23.48 18.53 -13.05
N SER A 409 23.16 19.73 -12.59
CA SER A 409 23.62 20.96 -13.22
C SER A 409 25.15 21.05 -13.20
N MET A 410 25.77 20.54 -12.14
CA MET A 410 27.21 20.56 -12.05
C MET A 410 27.80 19.37 -12.82
N PRO A 411 28.64 19.60 -13.82
CA PRO A 411 29.17 18.50 -14.63
C PRO A 411 30.20 17.66 -13.91
N ALA A 412 31.03 18.29 -13.08
CA ALA A 412 32.17 17.62 -12.46
C ALA A 412 31.82 17.03 -11.10
N GLY A 413 30.55 17.09 -10.72
CA GLY A 413 30.11 16.47 -9.48
C GLY A 413 30.37 17.31 -8.25
N GLN A 414 29.99 18.59 -8.29
CA GLN A 414 30.16 19.46 -7.15
C GLN A 414 29.12 19.13 -6.09
N TYR A 415 29.50 18.33 -5.09
CA TYR A 415 28.59 17.91 -4.03
C TYR A 415 28.33 19.07 -3.10
N LEU A 416 27.10 19.62 -3.16
CA LEU A 416 26.73 20.69 -2.24
C LEU A 416 26.57 20.12 -0.83
N GLU A 417 27.14 20.80 0.15
CA GLU A 417 27.17 20.30 1.52
C GLU A 417 25.98 20.86 2.29
N PHE A 418 25.11 19.96 2.75
CA PHE A 418 23.94 20.34 3.55
C PHE A 418 23.91 19.47 4.80
N ALA A 419 23.71 20.10 5.96
CA ALA A 419 23.67 19.35 7.21
C ALA A 419 22.38 18.55 7.32
N PHE A 420 22.40 17.51 8.16
CA PHE A 420 21.22 16.70 8.43
C PHE A 420 21.34 16.07 9.82
N ALA A 421 20.39 15.20 10.15
CA ALA A 421 20.36 14.54 11.45
C ALA A 421 21.29 13.33 11.42
N PRO A 422 22.21 13.20 12.37
CA PRO A 422 23.22 12.14 12.29
C PRO A 422 22.60 10.74 12.35
N TRP A 423 23.46 9.75 12.11
CA TRP A 423 23.02 8.36 12.09
C TRP A 423 22.46 7.96 13.45
N PRO A 424 21.32 7.26 13.49
CA PRO A 424 20.76 6.82 14.77
C PRO A 424 21.70 5.95 15.58
N ARG A 425 21.74 6.16 16.89
CA ARG A 425 22.68 5.42 17.73
C ARG A 425 22.23 3.99 17.99
N ASN A 426 20.91 3.76 18.09
CA ASN A 426 20.36 2.45 18.40
C ASN A 426 19.79 1.75 17.18
N TYR A 427 20.04 2.28 15.99
CA TYR A 427 19.64 1.61 14.76
C TYR A 427 20.54 0.40 14.52
N ARG A 428 19.91 -0.75 14.23
CA ARG A 428 20.61 -2.03 14.27
C ARG A 428 21.79 -2.14 13.32
N PRO A 429 21.65 -1.85 12.01
CA PRO A 429 22.85 -1.86 11.16
C PRO A 429 23.61 -0.54 11.24
N GLN A 430 24.84 -0.60 11.74
CA GLN A 430 25.61 0.60 11.98
C GLN A 430 26.08 1.17 10.66
N PRO A 431 26.43 2.45 10.62
CA PRO A 431 26.89 3.06 9.37
C PRO A 431 28.12 2.41 8.78
N GLY A 432 29.03 1.91 9.63
CA GLY A 432 30.30 1.41 9.14
C GLY A 432 30.24 0.03 8.53
N GLU A 433 29.19 -0.76 8.82
CA GLU A 433 29.13 -2.11 8.27
C GLU A 433 28.59 -2.14 6.86
N THR A 434 27.98 -1.05 6.38
CA THR A 434 27.28 -1.02 5.11
C THR A 434 27.74 0.17 4.29
N GLU A 435 27.56 0.07 2.98
CA GLU A 435 27.90 1.13 2.05
C GLU A 435 26.64 1.63 1.36
N ILE A 436 26.54 2.94 1.20
CA ILE A 436 25.40 3.55 0.54
C ILE A 436 25.55 3.35 -0.97
N SER A 437 24.41 3.26 -1.65
CA SER A 437 24.38 3.04 -3.10
C SER A 437 23.83 4.23 -3.88
N SER A 438 22.85 4.95 -3.36
CA SER A 438 22.31 6.14 -4.02
C SER A 438 21.45 6.91 -3.04
N VAL A 439 21.40 8.24 -3.20
CA VAL A 439 20.55 9.07 -2.38
C VAL A 439 19.18 9.18 -3.02
N HIS A 440 18.14 8.82 -2.27
CA HIS A 440 16.75 8.91 -2.74
C HIS A 440 16.11 10.11 -2.06
N LEU A 441 16.21 11.26 -2.70
CA LEU A 441 15.69 12.51 -2.16
C LEU A 441 14.33 12.82 -2.76
N HIS A 442 13.48 13.45 -1.97
CA HIS A 442 12.15 13.86 -2.42
C HIS A 442 11.87 15.24 -1.84
N PHE A 443 10.63 15.71 -1.98
CA PHE A 443 10.25 17.04 -1.52
C PHE A 443 8.88 16.94 -0.86
N VAL A 444 8.86 16.74 0.45
CA VAL A 444 7.65 16.81 1.26
C VAL A 444 7.58 18.20 1.88
N GLY A 445 6.46 18.89 1.67
CA GLY A 445 6.35 20.27 2.08
C GLY A 445 7.38 21.15 1.40
N THR A 446 8.35 21.64 2.17
CA THR A 446 9.46 22.41 1.63
C THR A 446 10.82 21.85 2.03
N ARG A 447 10.87 20.94 2.99
CA ARG A 447 12.15 20.40 3.45
C ARG A 447 12.55 19.22 2.57
N PRO A 448 13.73 19.25 1.95
CA PRO A 448 14.19 18.18 1.03
C PRO A 448 14.72 16.94 1.75
N ARG A 449 13.81 16.06 2.14
CA ARG A 449 14.19 14.82 2.79
C ARG A 449 14.89 13.89 1.78
N ILE A 450 15.87 13.14 2.28
CA ILE A 450 16.71 12.28 1.46
C ILE A 450 16.61 10.85 1.99
N GLY A 451 17.06 9.91 1.16
CA GLY A 451 17.05 8.50 1.52
C GLY A 451 18.33 7.77 1.16
N PHE A 452 18.97 7.15 2.16
CA PHE A 452 20.25 6.49 1.97
C PHE A 452 20.01 5.00 1.75
N ARG A 453 19.93 4.60 0.49
CA ARG A 453 19.73 3.19 0.18
C ARG A 453 21.04 2.43 0.35
N PHE A 454 20.98 1.25 0.96
CA PHE A 454 22.17 0.44 1.21
C PHE A 454 21.75 -1.03 1.25
N ARG A 455 22.67 -1.87 1.72
CA ARG A 455 22.44 -3.29 1.86
C ARG A 455 22.45 -3.68 3.34
N VAL A 456 21.80 -4.80 3.65
CA VAL A 456 21.73 -5.29 5.02
C VAL A 456 21.66 -6.82 4.99
N PRO A 457 22.39 -7.51 5.87
CA PRO A 457 22.40 -8.98 5.83
C PRO A 457 21.14 -9.57 6.45
N HIS A 458 20.48 -10.45 5.71
CA HIS A 458 19.31 -11.16 6.21
C HIS A 458 19.76 -12.45 6.91
N LYS A 459 18.79 -13.25 7.35
CA LYS A 459 19.05 -14.51 8.03
C LYS A 459 18.24 -15.61 7.38
N ARG A 460 18.85 -16.78 7.21
CA ARG A 460 18.20 -17.91 6.58
C ARG A 460 17.11 -18.47 7.48
N SER A 461 15.99 -18.88 6.87
CA SER A 461 14.87 -19.43 7.60
C SER A 461 14.99 -20.96 7.68
N ARG A 462 14.23 -21.56 8.59
CA ARG A 462 14.26 -23.01 8.78
C ARG A 462 13.09 -23.65 8.02
N PHE A 463 13.11 -23.42 6.71
CA PHE A 463 12.14 -24.03 5.79
C PHE A 463 12.75 -24.12 4.40
N ASP A 464 12.14 -24.97 3.59
CA ASP A 464 12.50 -25.09 2.17
C ASP A 464 11.64 -24.20 1.28
N CYS A 465 10.72 -23.45 1.86
CA CYS A 465 9.82 -22.56 1.13
C CYS A 465 10.13 -21.10 1.47
N THR A 466 9.44 -20.21 0.76
CA THR A 466 9.57 -18.78 0.98
C THR A 466 8.18 -18.15 1.10
N GLN A 467 8.15 -16.93 1.64
CA GLN A 467 6.88 -16.25 1.84
C GLN A 467 6.19 -15.93 0.52
N GLU A 468 6.98 -15.76 -0.55
CA GLU A 468 6.42 -15.46 -1.86
C GLU A 468 5.49 -16.57 -2.33
N GLU A 469 5.82 -17.82 -2.01
CA GLU A 469 4.95 -18.93 -2.37
C GLU A 469 3.60 -18.81 -1.67
N LEU A 470 3.61 -18.43 -0.39
CA LEU A 470 2.37 -18.22 0.34
C LEU A 470 1.59 -17.03 -0.22
N ASP A 471 2.31 -16.01 -0.70
CA ASP A 471 1.65 -14.84 -1.28
C ASP A 471 0.89 -15.22 -2.55
N GLU A 472 1.48 -16.10 -3.37
CA GLU A 472 0.81 -16.54 -4.60
C GLU A 472 -0.50 -17.25 -4.29
N LEU A 473 -0.51 -18.07 -3.25
CA LEU A 473 -1.71 -18.82 -2.89
C LEU A 473 -2.85 -17.88 -2.50
N ARG A 474 -2.55 -16.84 -1.72
CA ARG A 474 -3.58 -15.92 -1.29
C ARG A 474 -3.98 -14.97 -2.41
N SER A 475 -3.02 -14.60 -3.27
CA SER A 475 -3.29 -13.59 -4.29
C SER A 475 -4.18 -14.15 -5.40
N ARG A 476 -3.72 -15.19 -6.08
CA ARG A 476 -4.41 -15.71 -7.25
C ARG A 476 -5.04 -17.08 -7.04
N THR A 477 -4.44 -17.93 -6.21
CA THR A 477 -5.00 -19.26 -6.00
C THR A 477 -6.23 -19.22 -5.10
N PHE A 478 -6.22 -18.37 -4.07
CA PHE A 478 -7.39 -18.22 -3.19
C PHE A 478 -7.74 -16.75 -3.01
N PRO A 479 -8.21 -16.06 -4.06
CA PRO A 479 -8.50 -14.63 -3.91
C PRO A 479 -9.87 -14.35 -3.29
N ARG A 480 -10.85 -15.21 -3.52
CA ARG A 480 -12.22 -14.93 -3.11
C ARG A 480 -12.43 -15.25 -1.64
N LYS A 481 -13.39 -14.53 -1.03
CA LYS A 481 -13.72 -14.78 0.36
C LYS A 481 -14.37 -16.16 0.54
N ALA A 482 -15.12 -16.62 -0.45
CA ALA A 482 -15.74 -17.94 -0.39
C ALA A 482 -14.73 -19.07 -0.47
N GLN A 483 -13.51 -18.80 -0.95
CA GLN A 483 -12.44 -19.78 -1.03
C GLN A 483 -11.44 -19.64 0.12
N ASP A 484 -11.92 -19.24 1.30
CA ASP A 484 -11.04 -18.96 2.43
C ASP A 484 -10.61 -20.22 3.15
N GLN A 485 -11.56 -21.13 3.40
CA GLN A 485 -11.24 -22.35 4.13
C GLN A 485 -10.26 -23.22 3.37
N LYS A 486 -10.45 -23.37 2.05
CA LYS A 486 -9.55 -24.19 1.25
C LYS A 486 -8.11 -23.67 1.32
N PHE A 487 -7.95 -22.36 1.50
CA PHE A 487 -6.61 -21.80 1.66
C PHE A 487 -5.93 -22.32 2.92
N LEU A 488 -6.68 -22.49 4.01
CA LEU A 488 -6.08 -22.90 5.28
C LEU A 488 -5.41 -24.27 5.14
N GLU A 489 -6.16 -25.27 4.65
CA GLU A 489 -5.58 -26.60 4.48
C GLU A 489 -4.45 -26.59 3.46
N ALA A 490 -4.63 -25.84 2.37
CA ALA A 490 -3.58 -25.73 1.37
C ALA A 490 -2.32 -25.09 1.95
N ALA A 491 -2.50 -24.04 2.76
CA ALA A 491 -1.35 -23.39 3.38
C ALA A 491 -0.79 -24.20 4.54
N ARG A 492 -1.66 -24.86 5.32
CA ARG A 492 -1.18 -25.60 6.49
C ARG A 492 -0.26 -26.74 6.09
N LYS A 493 -0.67 -27.53 5.09
CA LYS A 493 0.15 -28.65 4.64
C LYS A 493 1.35 -28.18 3.83
N ARG A 494 1.30 -26.96 3.29
CA ARG A 494 2.42 -26.46 2.49
C ARG A 494 3.68 -26.35 3.34
N LEU A 495 3.51 -26.00 4.61
CA LEU A 495 4.67 -25.80 5.48
C LEU A 495 5.22 -27.13 6.02
N LEU A 496 4.38 -28.17 6.08
CA LEU A 496 4.77 -29.37 6.81
C LEU A 496 5.94 -30.08 6.17
N GLU A 497 5.90 -30.31 4.86
CA GLU A 497 7.02 -30.97 4.18
C GLU A 497 8.24 -30.07 4.16
N THR A 498 8.03 -28.75 4.08
CA THR A 498 9.15 -27.82 4.09
C THR A 498 9.81 -27.71 5.46
N PHE A 499 9.14 -28.16 6.51
CA PHE A 499 9.73 -28.19 7.84
C PHE A 499 10.82 -29.26 7.89
N PRO A 500 12.05 -28.92 8.29
CA PRO A 500 13.12 -29.93 8.35
C PRO A 500 12.80 -31.05 9.34
N GLY A 501 12.48 -30.68 10.58
CA GLY A 501 12.13 -31.66 11.58
C GLY A 501 10.67 -32.05 11.53
N ASN A 502 10.01 -32.05 12.69
CA ASN A 502 8.58 -32.36 12.78
C ASN A 502 7.86 -31.08 13.19
N ALA A 503 7.07 -30.52 12.26
CA ALA A 503 6.31 -29.31 12.56
C ALA A 503 5.25 -29.59 13.62
N GLU A 504 4.74 -30.83 13.67
CA GLU A 504 3.75 -31.21 14.67
C GLU A 504 4.32 -31.17 16.09
N GLN A 505 5.64 -31.20 16.25
CA GLN A 505 6.26 -31.21 17.56
C GLN A 505 7.26 -30.08 17.79
N GLU A 506 7.72 -29.40 16.73
CA GLU A 506 8.78 -28.42 16.86
C GLU A 506 8.45 -27.04 16.31
N LEU A 507 7.28 -26.84 15.71
CA LEU A 507 6.96 -25.56 15.08
C LEU A 507 6.52 -24.56 16.15
N ARG A 508 7.48 -23.73 16.57
CA ARG A 508 7.22 -22.65 17.50
C ARG A 508 6.36 -21.57 16.84
N LEU A 509 5.36 -21.08 17.57
CA LEU A 509 4.38 -20.16 16.99
C LEU A 509 3.99 -19.09 17.99
N LEU A 510 3.85 -17.86 17.50
CA LEU A 510 3.26 -16.76 18.24
C LEU A 510 2.15 -16.13 17.39
N ALA A 511 1.03 -15.80 18.02
CA ALA A 511 -0.12 -15.26 17.31
C ALA A 511 -0.34 -13.81 17.75
N VAL A 512 -0.04 -12.89 16.84
CA VAL A 512 -0.28 -11.48 17.11
C VAL A 512 -1.77 -11.19 17.07
N ASP A 513 -2.24 -10.43 18.06
CA ASP A 513 -3.65 -10.07 18.17
C ASP A 513 -3.91 -8.58 17.93
N LEU A 514 -2.97 -7.72 18.27
CA LEU A 514 -3.08 -6.27 18.09
C LEU A 514 -4.32 -5.73 18.81
N GLY A 515 -4.25 -5.81 20.14
CA GLY A 515 -5.31 -5.36 20.99
C GLY A 515 -5.33 -3.85 21.16
N THR A 516 -6.20 -3.38 22.03
CA THR A 516 -6.35 -1.94 22.29
C THR A 516 -5.44 -1.51 23.44
N ASP A 517 -5.58 -2.15 24.60
CA ASP A 517 -4.77 -1.81 25.76
C ASP A 517 -3.65 -2.82 25.98
N SER A 518 -3.95 -4.11 25.91
CA SER A 518 -2.98 -5.17 26.09
C SER A 518 -2.95 -6.08 24.87
N ALA A 519 -1.81 -6.74 24.68
CA ALA A 519 -1.65 -7.65 23.56
C ALA A 519 -0.64 -8.75 23.90
N ARG A 520 -1.05 -10.00 23.78
CA ARG A 520 -0.19 -11.13 24.08
C ARG A 520 -0.18 -12.10 22.91
N ALA A 521 0.97 -12.73 22.69
CA ALA A 521 1.12 -13.75 21.65
C ALA A 521 1.28 -15.10 22.34
N ALA A 522 0.37 -16.03 22.06
CA ALA A 522 0.43 -17.36 22.66
C ALA A 522 1.57 -18.15 22.07
N PHE A 523 2.32 -18.84 22.93
CA PHE A 523 3.48 -19.61 22.52
C PHE A 523 3.08 -21.07 22.34
N PHE A 524 3.12 -21.55 21.10
CA PHE A 524 2.71 -22.91 20.76
C PHE A 524 3.83 -23.60 20.01
N ILE A 525 4.06 -24.87 20.36
CA ILE A 525 5.07 -25.68 19.70
C ILE A 525 4.42 -26.89 19.04
N GLY A 526 3.76 -27.71 19.86
CA GLY A 526 3.19 -28.96 19.40
C GLY A 526 1.73 -29.14 19.77
N LYS A 527 0.96 -28.06 19.66
CA LYS A 527 -0.44 -27.91 20.07
C LYS A 527 -0.57 -27.70 21.57
N THR A 528 0.53 -27.66 22.32
CA THR A 528 0.49 -27.44 23.76
C THR A 528 0.72 -25.96 24.06
N PHE A 529 -0.12 -25.39 24.92
CA PHE A 529 0.03 -23.99 25.30
C PHE A 529 0.88 -23.90 26.57
N GLN A 530 1.97 -23.12 26.50
CA GLN A 530 2.87 -22.96 27.65
C GLN A 530 2.56 -21.71 28.47
N GLN A 531 2.65 -20.53 27.86
CA GLN A 531 2.33 -19.29 28.58
C GLN A 531 2.12 -18.17 27.58
N ALA A 532 1.45 -17.11 28.04
CA ALA A 532 1.18 -15.93 27.23
C ALA A 532 1.57 -14.70 28.04
N PHE A 533 2.42 -13.85 27.45
CA PHE A 533 2.95 -12.67 28.12
C PHE A 533 2.76 -11.43 27.26
N PRO A 534 2.54 -10.26 27.86
CA PRO A 534 2.13 -9.08 27.07
C PRO A 534 3.28 -8.25 26.53
N LEU A 535 2.93 -7.15 25.88
CA LEU A 535 3.88 -6.17 25.36
C LEU A 535 3.65 -4.83 26.02
N LYS A 536 4.69 -3.99 25.99
CA LYS A 536 4.61 -2.64 26.54
C LYS A 536 4.22 -1.63 25.47
N ILE A 537 3.13 -1.91 24.76
CA ILE A 537 2.74 -1.09 23.59
C ILE A 537 1.77 -0.03 24.10
N VAL A 538 2.33 1.05 24.63
CA VAL A 538 1.57 2.25 24.99
C VAL A 538 2.58 3.38 25.20
N LYS A 539 2.21 4.60 24.84
CA LYS A 539 3.14 5.72 24.83
C LYS A 539 2.87 6.64 26.01
N ILE A 540 3.79 6.66 26.97
CA ILE A 540 3.80 7.63 28.06
C ILE A 540 5.26 8.10 28.18
N GLU A 541 5.49 9.10 29.03
CA GLU A 541 6.83 9.56 29.33
C GLU A 541 7.70 8.38 29.78
N LYS A 542 7.09 7.45 30.51
CA LYS A 542 7.67 6.14 30.77
C LYS A 542 6.72 5.06 30.29
N LEU A 543 7.26 4.09 29.56
CA LEU A 543 6.41 3.06 28.97
C LEU A 543 5.74 2.22 30.04
N TYR A 544 4.45 1.98 29.86
CA TYR A 544 3.63 1.16 30.74
C TYR A 544 3.14 -0.08 29.99
N GLU A 545 2.28 -0.85 30.66
CA GLU A 545 1.62 -1.98 30.02
C GLU A 545 0.18 -1.67 29.63
N GLN A 546 -0.47 -0.76 30.34
CA GLN A 546 -1.84 -0.34 30.02
C GLN A 546 -2.01 1.12 30.41
N TRP A 547 -3.02 1.75 29.81
CA TRP A 547 -3.38 3.10 30.21
C TRP A 547 -3.92 3.09 31.63
N PRO A 548 -3.54 4.05 32.47
CA PRO A 548 -4.02 4.03 33.87
C PRO A 548 -5.51 4.35 33.98
N ASN A 549 -6.35 3.42 33.56
CA ASN A 549 -7.80 3.58 33.66
C ASN A 549 -8.34 2.46 34.54
N GLN A 550 -8.94 2.84 35.66
CA GLN A 550 -9.49 1.88 36.62
C GLN A 550 -10.82 2.36 37.16
N LYS A 551 -11.39 3.40 36.54
CA LYS A 551 -12.59 4.11 37.01
C LYS A 551 -13.69 3.09 37.34
N GLN A 552 -14.22 2.37 36.36
CA GLN A 552 -15.34 1.47 36.62
C GLN A 552 -15.60 0.52 35.46
N ALA A 553 -16.71 -0.21 35.53
CA ALA A 553 -17.16 -1.09 34.46
C ALA A 553 -18.65 -0.91 34.27
N GLY A 554 -19.14 -1.20 33.08
CA GLY A 554 -20.54 -0.93 32.74
C GLY A 554 -21.04 -2.00 31.78
N ASP A 555 -22.18 -1.70 31.16
CA ASP A 555 -22.85 -2.63 30.25
C ASP A 555 -23.53 -1.87 29.13
N ARG A 556 -24.48 -2.50 28.44
CA ARG A 556 -25.17 -1.89 27.32
C ARG A 556 -26.23 -0.92 27.83
N ARG A 557 -25.79 0.02 28.66
CA ARG A 557 -26.66 1.07 29.16
C ARG A 557 -26.18 2.44 28.68
N ASP A 558 -24.92 2.76 28.97
CA ASP A 558 -24.34 4.06 28.60
C ASP A 558 -22.84 4.00 28.81
N ALA A 559 -22.16 5.07 28.37
CA ALA A 559 -20.73 5.19 28.57
C ALA A 559 -20.36 6.68 28.50
N SER A 560 -19.41 7.06 29.36
CA SER A 560 -18.98 8.46 29.42
C SER A 560 -17.59 8.52 30.01
N SER A 561 -16.72 9.26 29.33
CA SER A 561 -15.35 9.47 29.78
C SER A 561 -14.77 10.65 29.03
N LYS A 562 -14.25 11.63 29.77
CA LYS A 562 -13.68 12.85 29.18
C LYS A 562 -12.40 13.19 29.94
N GLN A 563 -11.28 12.64 29.47
CA GLN A 563 -9.97 12.95 30.02
C GLN A 563 -8.88 12.67 28.99
N PRO A 564 -8.06 13.66 28.65
CA PRO A 564 -7.00 13.43 27.66
C PRO A 564 -5.83 12.64 28.22
N ARG A 565 -5.65 11.41 27.75
CA ARG A 565 -4.51 10.61 28.18
C ARG A 565 -3.25 11.09 27.50
N PRO A 566 -2.20 11.46 28.23
CA PRO A 566 -1.00 12.01 27.60
C PRO A 566 -0.20 10.93 26.88
N GLY A 567 -0.22 10.98 25.56
CA GLY A 567 0.50 10.00 24.75
C GLY A 567 -0.04 9.87 23.33
N LEU A 568 -0.26 8.64 22.90
CA LEU A 568 -0.84 8.36 21.58
C LEU A 568 -2.21 7.71 21.70
N SER A 569 -2.96 8.03 22.75
CA SER A 569 -4.25 7.41 22.97
C SER A 569 -5.29 7.94 21.98
N ARG A 570 -6.44 7.26 21.94
CA ARG A 570 -7.55 7.65 21.08
C ARG A 570 -8.04 9.05 21.41
N ASP A 571 -8.02 9.40 22.70
CA ASP A 571 -8.41 10.75 23.10
C ASP A 571 -7.34 11.77 22.72
N HIS A 572 -6.07 11.39 22.85
CA HIS A 572 -4.98 12.33 22.58
C HIS A 572 -4.88 12.64 21.09
N VAL A 573 -5.05 11.63 20.23
CA VAL A 573 -4.98 11.86 18.80
C VAL A 573 -6.13 12.73 18.33
N GLY A 574 -7.29 12.63 18.99
CA GLY A 574 -8.42 13.47 18.62
C GLY A 574 -8.24 14.92 19.06
N ARG A 575 -7.35 15.15 20.03
CA ARG A 575 -7.12 16.51 20.53
C ARG A 575 -6.52 17.40 19.45
N HIS A 576 -5.57 16.87 18.68
CA HIS A 576 -4.98 17.65 17.60
C HIS A 576 -5.99 17.91 16.49
N LEU A 577 -6.94 16.99 16.30
CA LEU A 577 -7.94 17.17 15.26
C LEU A 577 -8.81 18.39 15.53
N GLN A 578 -9.16 18.63 16.80
CA GLN A 578 -10.03 19.76 17.13
C GLN A 578 -9.36 21.09 16.80
N LYS A 579 -8.04 21.18 17.03
CA LYS A 579 -7.32 22.42 16.78
C LYS A 579 -7.32 22.77 15.29
N MET A 580 -7.19 21.76 14.42
CA MET A 580 -7.19 22.01 12.98
C MET A 580 -8.55 22.52 12.52
N ARG A 581 -9.62 22.16 13.24
CA ARG A 581 -10.95 22.62 12.88
C ARG A 581 -11.04 24.15 12.90
N ALA A 582 -10.44 24.77 13.91
CA ALA A 582 -10.37 26.23 13.95
C ALA A 582 -9.57 26.77 12.78
N GLN A 583 -8.43 26.13 12.47
CA GLN A 583 -7.58 26.61 11.39
C GLN A 583 -8.19 26.31 10.02
N ALA A 584 -8.67 25.08 9.82
CA ALA A 584 -9.16 24.68 8.50
C ALA A 584 -10.41 25.46 8.11
N SER A 585 -11.32 25.68 9.06
CA SER A 585 -12.53 26.44 8.77
C SER A 585 -12.19 27.87 8.37
N GLU A 586 -11.23 28.48 9.07
CA GLU A 586 -10.80 29.83 8.72
C GLU A 586 -10.13 29.84 7.35
N ILE A 587 -9.34 28.82 7.04
CA ILE A 587 -8.68 28.73 5.74
C ILE A 587 -9.72 28.63 4.64
N ALA A 588 -10.69 27.73 4.80
CA ALA A 588 -11.73 27.54 3.80
C ALA A 588 -12.59 28.79 3.64
N GLN A 589 -12.93 29.43 4.76
CA GLN A 589 -13.76 30.63 4.72
C GLN A 589 -13.03 31.79 4.06
N LYS A 590 -11.79 32.05 4.48
CA LYS A 590 -11.04 33.17 3.94
C LYS A 590 -10.63 32.98 2.48
N ARG A 591 -10.38 31.74 2.07
CA ARG A 591 -10.06 31.48 0.67
C ARG A 591 -11.24 31.84 -0.23
N GLN A 592 -12.46 31.55 0.22
CA GLN A 592 -13.65 31.90 -0.55
C GLN A 592 -13.92 33.40 -0.54
N GLU A 593 -13.31 34.14 0.38
CA GLU A 593 -13.50 35.59 0.45
C GLU A 593 -12.48 36.37 -0.36
N LEU A 594 -11.22 35.91 -0.41
CA LEU A 594 -10.20 36.64 -1.14
C LEU A 594 -10.46 36.59 -2.64
N THR A 595 -10.72 35.40 -3.18
CA THR A 595 -10.98 35.24 -4.60
C THR A 595 -12.19 34.39 -4.93
N GLY A 596 -12.67 33.56 -4.00
CA GLY A 596 -13.82 32.71 -4.30
C GLY A 596 -15.13 33.47 -4.35
N THR A 597 -15.18 34.65 -3.74
CA THR A 597 -16.38 35.48 -3.67
C THR A 597 -17.58 34.70 -3.13
N ALA A 608 -21.53 28.40 -5.40
CA ALA A 608 -20.44 28.14 -4.47
C ALA A 608 -19.96 26.70 -4.59
N LYS A 609 -20.21 26.09 -5.75
CA LYS A 609 -19.82 24.71 -6.02
C LYS A 609 -18.57 24.59 -6.87
N LYS A 610 -17.89 25.70 -7.14
CA LYS A 610 -16.68 25.73 -7.97
C LYS A 610 -15.61 24.85 -7.30
N ALA A 611 -15.33 25.03 -6.02
CA ALA A 611 -14.32 24.23 -5.33
C ALA A 611 -14.61 24.17 -3.84
N THR A 612 -13.93 23.27 -3.13
CA THR A 612 -14.15 23.12 -1.69
C THR A 612 -12.92 23.55 -0.89
N LEU A 613 -11.77 22.95 -1.20
CA LEU A 613 -10.52 23.24 -0.50
C LEU A 613 -9.39 22.58 -1.29
N GLN A 614 -8.16 22.83 -0.85
CA GLN A 614 -6.96 22.37 -1.51
C GLN A 614 -6.09 21.57 -0.55
N PRO A 615 -5.26 20.66 -1.08
CA PRO A 615 -4.42 19.83 -0.20
C PRO A 615 -3.35 20.60 0.56
N PHE A 616 -2.98 21.78 0.08
CA PHE A 616 -1.85 22.48 0.71
C PHE A 616 -2.28 23.36 1.89
N ASP A 617 -3.54 23.35 2.33
CA ASP A 617 -3.96 24.27 3.39
C ASP A 617 -3.17 24.05 4.67
N LEU A 618 -2.98 22.78 5.07
CA LEU A 618 -2.26 22.46 6.29
C LEU A 618 -1.42 21.20 6.05
N ARG A 619 -0.13 21.29 6.34
CA ARG A 619 0.75 20.13 6.32
C ARG A 619 1.51 19.94 7.62
N GLY A 620 1.83 21.02 8.33
CA GLY A 620 2.65 20.94 9.53
C GLY A 620 2.13 20.02 10.61
N LEU A 621 0.91 20.27 11.08
CA LEU A 621 0.33 19.42 12.12
C LEU A 621 -0.07 18.05 11.57
N THR A 622 -0.40 17.99 10.28
CA THR A 622 -0.84 16.72 9.70
C THR A 622 0.29 15.69 9.69
N VAL A 623 1.45 16.08 9.18
CA VAL A 623 2.58 15.17 9.14
C VAL A 623 3.05 14.82 10.55
N HIS A 624 2.89 15.74 11.51
CA HIS A 624 3.15 15.44 12.90
C HIS A 624 2.22 14.33 13.39
N THR A 625 0.93 14.43 13.01
CA THR A 625 -0.01 13.36 13.35
C THR A 625 0.15 12.16 12.42
N ALA A 626 0.49 12.39 11.16
CA ALA A 626 0.68 11.28 10.23
C ALA A 626 1.84 10.39 10.67
N ARG A 627 2.96 11.01 11.08
CA ARG A 627 4.06 10.23 11.63
C ARG A 627 3.73 9.72 13.02
N MET A 628 2.81 10.39 13.74
CA MET A 628 2.48 9.97 15.09
C MET A 628 1.86 8.58 15.10
N ILE A 629 0.84 8.37 14.27
CA ILE A 629 0.26 7.03 14.13
C ILE A 629 1.26 6.10 13.47
N ARG A 630 1.99 6.58 12.46
CA ARG A 630 2.97 5.76 11.78
C ARG A 630 4.09 5.33 12.70
N ASP A 631 4.46 6.17 13.67
CA ASP A 631 5.39 5.73 14.71
C ASP A 631 4.73 4.79 15.71
N TRP A 632 3.44 4.98 15.97
CA TRP A 632 2.72 4.06 16.84
C TRP A 632 2.68 2.65 16.25
N ALA A 633 2.49 2.56 14.93
CA ALA A 633 2.57 1.26 14.26
C ALA A 633 3.97 0.69 14.38
N ARG A 634 4.99 1.54 14.29
CA ARG A 634 6.36 1.08 14.48
C ARG A 634 6.58 0.55 15.89
N LEU A 635 5.96 1.17 16.89
CA LEU A 635 6.08 0.68 18.26
C LEU A 635 5.54 -0.74 18.37
N ASN A 636 4.38 -0.99 17.75
CA ASN A 636 3.87 -2.36 17.67
C ASN A 636 4.79 -3.23 16.81
N ALA A 637 5.29 -2.67 15.71
CA ALA A 637 6.15 -3.42 14.80
C ALA A 637 7.45 -3.84 15.47
N ARG A 638 8.09 -2.91 16.18
CA ARG A 638 9.34 -3.24 16.86
C ARG A 638 9.11 -4.17 18.04
N GLN A 639 8.14 -3.86 18.90
CA GLN A 639 8.00 -4.59 20.16
C GLN A 639 7.76 -6.08 19.92
N ILE A 640 7.01 -6.41 18.86
CA ILE A 640 6.79 -7.82 18.54
C ILE A 640 8.08 -8.49 18.04
N ILE A 641 8.98 -7.73 17.41
CA ILE A 641 10.18 -8.33 16.84
C ILE A 641 11.11 -8.82 17.94
N GLN A 642 11.39 -7.96 18.93
CA GLN A 642 12.19 -8.41 20.06
C GLN A 642 11.39 -9.37 20.94
N LEU A 643 10.07 -9.31 20.88
CA LEU A 643 9.25 -10.28 21.59
C LEU A 643 9.45 -11.68 21.02
N ALA A 644 9.75 -11.78 19.73
CA ALA A 644 9.90 -13.06 19.06
C ALA A 644 11.35 -13.47 18.86
N GLU A 645 12.31 -12.78 19.51
CA GLU A 645 13.70 -13.15 19.33
C GLU A 645 14.23 -14.04 20.44
N GLU A 646 13.72 -13.93 21.67
CA GLU A 646 14.18 -14.78 22.74
C GLU A 646 13.75 -16.23 22.48
N ASN A 647 12.58 -16.39 21.86
CA ASN A 647 12.09 -17.70 21.45
C ASN A 647 12.13 -17.76 19.92
N GLN A 648 12.78 -18.78 19.37
CA GLN A 648 12.94 -18.92 17.92
C GLN A 648 11.60 -19.33 17.32
N VAL A 649 10.73 -18.34 17.14
CA VAL A 649 9.37 -18.59 16.68
C VAL A 649 9.39 -18.81 15.16
N ASP A 650 8.96 -19.99 14.74
CA ASP A 650 9.02 -20.33 13.32
C ASP A 650 7.92 -19.61 12.52
N LEU A 651 6.71 -19.58 13.06
CA LEU A 651 5.57 -19.07 12.30
C LEU A 651 4.76 -18.09 13.15
N ILE A 652 4.35 -16.99 12.53
CA ILE A 652 3.47 -16.01 13.15
C ILE A 652 2.26 -15.80 12.23
N VAL A 653 1.08 -15.78 12.84
CA VAL A 653 -0.18 -15.63 12.12
C VAL A 653 -0.77 -14.26 12.42
N LEU A 654 -1.56 -13.74 11.47
CA LEU A 654 -2.17 -12.43 11.58
C LEU A 654 -3.64 -12.52 11.19
N GLU A 655 -4.40 -11.51 11.59
CA GLU A 655 -5.83 -11.41 11.30
C GLU A 655 -6.08 -10.31 10.27
N SER A 656 -7.35 -10.08 9.96
CA SER A 656 -7.73 -9.03 9.01
C SER A 656 -9.06 -8.44 9.50
N LEU A 657 -8.97 -7.37 10.27
CA LEU A 657 -10.13 -6.71 10.85
C LEU A 657 -10.42 -5.40 10.12
N ARG A 658 -11.71 -5.06 10.03
CA ARG A 658 -12.13 -3.86 9.32
C ARG A 658 -12.35 -2.69 10.29
N GLY A 659 -13.03 -2.94 11.39
CA GLY A 659 -13.36 -1.88 12.33
C GLY A 659 -14.86 -1.68 12.37
N PHE A 660 -15.32 -1.16 13.51
CA PHE A 660 -16.75 -0.96 13.71
C PHE A 660 -17.11 0.52 13.77
N ARG A 661 -16.51 1.25 14.72
CA ARG A 661 -16.74 2.67 14.88
C ARG A 661 -15.55 3.34 15.58
N PRO A 662 -14.82 4.22 14.90
CA PRO A 662 -13.77 4.97 15.57
C PRO A 662 -14.34 6.18 16.30
N PRO A 663 -14.20 6.23 17.62
CA PRO A 663 -14.78 7.36 18.37
C PRO A 663 -13.96 8.64 18.27
N GLY A 664 -12.88 8.66 17.50
CA GLY A 664 -12.03 9.83 17.39
C GLY A 664 -12.74 11.06 16.85
N TYR A 665 -13.49 10.90 15.76
CA TYR A 665 -14.20 12.00 15.15
C TYR A 665 -15.70 11.85 15.40
N GLU A 666 -16.32 12.87 16.00
CA GLU A 666 -17.75 12.85 16.25
C GLU A 666 -18.39 14.20 15.93
N ASN A 667 -17.60 15.28 15.99
CA ASN A 667 -18.12 16.63 15.80
C ASN A 667 -17.43 17.34 14.64
N LEU A 668 -16.17 17.03 14.36
CA LEU A 668 -15.46 17.66 13.27
C LEU A 668 -16.10 17.30 11.92
N ASP A 669 -16.01 18.24 10.97
CA ASP A 669 -16.54 18.03 9.63
C ASP A 669 -15.89 18.99 8.66
N GLN A 670 -15.99 18.66 7.38
CA GLN A 670 -15.53 19.49 6.27
C GLN A 670 -14.04 19.80 6.38
N GLU A 671 -13.25 18.73 6.37
CA GLU A 671 -11.80 18.85 6.43
C GLU A 671 -11.17 17.79 5.54
N LYS A 672 -9.84 17.86 5.41
CA LYS A 672 -9.07 16.85 4.71
C LYS A 672 -7.76 16.54 5.44
N LYS A 673 -7.67 16.87 6.73
CA LYS A 673 -6.40 16.85 7.45
C LYS A 673 -6.44 16.05 8.74
N ARG A 674 -7.58 15.45 9.10
CA ARG A 674 -7.76 14.91 10.44
C ARG A 674 -7.91 13.39 10.52
N ARG A 675 -8.46 12.77 9.46
CA ARG A 675 -8.63 11.31 9.53
C ARG A 675 -7.31 10.68 9.10
N VAL A 676 -6.32 10.84 9.93
CA VAL A 676 -5.04 10.16 9.78
C VAL A 676 -4.68 9.58 11.13
N ALA A 677 -5.68 9.46 12.01
CA ALA A 677 -5.50 8.97 13.37
C ALA A 677 -6.10 7.59 13.53
N PHE A 678 -5.96 6.75 12.51
CA PHE A 678 -6.44 5.38 12.55
C PHE A 678 -5.37 4.51 13.22
N PHE A 679 -5.54 3.19 13.19
CA PHE A 679 -4.55 2.27 13.75
C PHE A 679 -3.67 1.62 12.70
N ALA A 680 -4.01 1.69 11.42
CA ALA A 680 -3.18 1.19 10.32
C ALA A 680 -2.87 -0.30 10.49
N HIS A 681 -3.93 -1.10 10.60
CA HIS A 681 -3.77 -2.54 10.76
C HIS A 681 -3.10 -3.15 9.54
N GLY A 682 -3.49 -2.71 8.34
CA GLY A 682 -2.90 -3.24 7.12
C GLY A 682 -1.42 -2.92 6.98
N ARG A 683 -1.01 -1.73 7.42
CA ARG A 683 0.39 -1.34 7.32
C ARG A 683 1.26 -2.16 8.24
N ILE A 684 0.73 -2.55 9.41
CA ILE A 684 1.54 -3.26 10.41
C ILE A 684 2.01 -4.61 9.87
N ARG A 685 1.16 -5.27 9.07
CA ARG A 685 1.53 -6.56 8.50
C ARG A 685 2.74 -6.43 7.59
N ARG A 686 2.98 -5.23 7.06
CA ARG A 686 4.08 -5.04 6.12
C ARG A 686 5.39 -4.67 6.81
N LYS A 687 5.34 -4.07 7.99
CA LYS A 687 6.57 -3.93 8.77
C LYS A 687 7.11 -5.29 9.17
N VAL A 688 6.26 -6.13 9.78
CA VAL A 688 6.71 -7.43 10.26
C VAL A 688 7.14 -8.34 9.13
N THR A 689 6.55 -8.19 7.94
CA THR A 689 6.97 -8.99 6.80
C THR A 689 8.41 -8.69 6.42
N GLU A 690 8.78 -7.41 6.42
CA GLU A 690 10.16 -7.05 6.11
C GLU A 690 11.11 -7.43 7.25
N LYS A 691 10.67 -7.28 8.49
CA LYS A 691 11.54 -7.61 9.62
C LYS A 691 11.70 -9.12 9.78
N ALA A 692 10.67 -9.89 9.46
CA ALA A 692 10.73 -11.33 9.63
C ALA A 692 11.79 -11.96 8.74
N VAL A 693 11.82 -11.60 7.46
CA VAL A 693 12.85 -12.15 6.57
C VAL A 693 14.23 -11.64 6.98
N GLU A 694 14.29 -10.46 7.60
CA GLU A 694 15.56 -9.93 8.08
C GLU A 694 16.12 -10.76 9.23
N ARG A 695 15.26 -11.20 10.14
CA ARG A 695 15.67 -11.96 11.32
C ARG A 695 15.39 -13.45 11.15
N GLY A 696 15.13 -13.88 9.92
CA GLY A 696 14.83 -15.28 9.66
C GLY A 696 13.53 -15.75 10.28
N MET A 697 12.55 -14.87 10.34
CA MET A 697 11.24 -15.17 10.90
C MET A 697 10.24 -15.28 9.77
N ARG A 698 9.09 -15.90 10.07
CA ARG A 698 8.04 -16.11 9.09
C ARG A 698 6.70 -15.65 9.65
N VAL A 699 5.96 -14.93 8.82
CA VAL A 699 4.65 -14.39 9.19
C VAL A 699 3.66 -14.74 8.08
N VAL A 700 2.37 -14.79 8.44
CA VAL A 700 1.32 -15.16 7.51
C VAL A 700 0.03 -14.50 7.96
N THR A 701 -0.85 -14.21 7.01
CA THR A 701 -2.14 -13.59 7.26
C THR A 701 -3.26 -14.54 6.81
N VAL A 702 -4.24 -14.73 7.68
CA VAL A 702 -5.39 -15.59 7.38
C VAL A 702 -6.62 -14.71 7.20
N PRO A 703 -7.65 -15.16 6.48
CA PRO A 703 -8.85 -14.32 6.30
C PRO A 703 -9.57 -14.08 7.62
N TYR A 704 -10.56 -13.21 7.56
CA TYR A 704 -11.28 -12.75 8.75
C TYR A 704 -12.20 -13.84 9.27
N LEU A 705 -11.75 -14.55 10.29
CA LEU A 705 -12.64 -15.34 11.13
C LEU A 705 -13.10 -14.46 12.29
N ALA A 706 -13.74 -15.05 13.29
CA ALA A 706 -14.06 -14.28 14.49
C ALA A 706 -12.81 -14.05 15.33
N SER A 707 -12.19 -15.13 15.81
CA SER A 707 -10.90 -15.11 16.50
C SER A 707 -11.01 -14.39 17.85
N SER A 708 -12.19 -13.85 18.15
CA SER A 708 -12.45 -13.19 19.41
C SER A 708 -13.74 -13.65 20.05
N LYS A 709 -14.73 -14.04 19.24
CA LYS A 709 -15.95 -14.68 19.73
C LYS A 709 -15.83 -16.20 19.78
N VAL A 710 -14.65 -16.75 19.51
CA VAL A 710 -14.43 -18.18 19.59
C VAL A 710 -13.52 -18.48 20.77
N CYS A 711 -13.91 -19.46 21.58
CA CYS A 711 -13.10 -19.83 22.73
C CYS A 711 -11.84 -20.56 22.28
N ALA A 712 -10.79 -20.45 23.10
CA ALA A 712 -9.51 -21.09 22.78
C ALA A 712 -9.59 -22.60 22.91
N GLU A 713 -10.18 -23.08 24.00
CA GLU A 713 -10.27 -24.53 24.21
C GLU A 713 -11.40 -25.13 23.39
N CYS A 714 -12.63 -24.69 23.62
CA CYS A 714 -13.79 -25.24 22.94
C CYS A 714 -14.19 -24.37 21.75
N ARG A 715 -14.88 -24.99 20.79
CA ARG A 715 -15.39 -24.30 19.61
C ARG A 715 -16.86 -23.95 19.86
N LYS A 716 -17.09 -23.02 20.78
CA LYS A 716 -18.45 -22.68 21.16
C LYS A 716 -19.04 -21.61 20.25
N LYS A 717 -18.21 -20.71 19.71
CA LYS A 717 -18.69 -19.63 18.84
C LYS A 717 -19.69 -18.74 19.56
N GLN A 718 -19.24 -18.08 20.62
CA GLN A 718 -20.09 -17.18 21.39
C GLN A 718 -20.68 -16.10 20.49
N LYS A 719 -22.00 -15.89 20.62
CA LYS A 719 -22.73 -14.97 19.76
C LYS A 719 -23.24 -13.74 20.50
N ASP A 720 -22.85 -13.54 21.76
CA ASP A 720 -23.33 -12.39 22.51
C ASP A 720 -22.74 -11.09 21.95
N ASN A 721 -21.43 -11.07 21.71
CA ASN A 721 -20.72 -9.97 21.08
C ASN A 721 -20.72 -8.69 21.91
N LYS A 722 -21.33 -8.72 23.10
CA LYS A 722 -21.36 -7.53 23.96
C LYS A 722 -20.64 -7.77 25.29
N GLN A 723 -20.96 -8.84 26.00
CA GLN A 723 -20.28 -9.10 27.27
C GLN A 723 -18.80 -9.34 27.08
N TRP A 724 -18.38 -9.80 25.90
CA TRP A 724 -16.95 -9.87 25.58
C TRP A 724 -16.34 -8.47 25.56
N GLU A 725 -17.06 -7.51 24.98
CA GLU A 725 -16.52 -6.15 24.87
C GLU A 725 -16.34 -5.51 26.24
N LYS A 726 -17.28 -5.74 27.16
CA LYS A 726 -17.12 -5.24 28.52
C LYS A 726 -15.90 -5.87 29.19
N ASN A 727 -15.72 -7.18 29.00
CA ASN A 727 -14.52 -7.83 29.52
C ASN A 727 -13.28 -7.37 28.77
N LYS A 728 -13.43 -7.05 27.48
CA LYS A 728 -12.29 -6.60 26.68
C LYS A 728 -11.70 -5.29 27.22
N LYS A 729 -12.53 -4.48 27.88
CA LYS A 729 -12.05 -3.22 28.45
C LYS A 729 -10.98 -3.49 29.51
N ARG A 730 -11.21 -4.48 30.37
CA ARG A 730 -10.23 -4.87 31.38
C ARG A 730 -9.17 -5.82 30.85
N GLY A 731 -9.31 -6.30 29.62
CA GLY A 731 -8.33 -7.20 29.04
C GLY A 731 -8.53 -8.67 29.33
N LEU A 732 -9.54 -9.03 30.10
CA LEU A 732 -9.86 -10.41 30.41
C LEU A 732 -11.14 -10.83 29.69
N PHE A 733 -11.58 -12.06 29.93
CA PHE A 733 -12.83 -12.53 29.36
C PHE A 733 -13.40 -13.64 30.23
N LYS A 734 -14.63 -14.03 29.92
CA LYS A 734 -15.26 -15.21 30.50
C LYS A 734 -15.88 -16.03 29.37
N CYS A 735 -15.71 -17.35 29.45
CA CYS A 735 -16.20 -18.21 28.38
C CYS A 735 -17.59 -18.76 28.71
N GLU A 736 -18.48 -18.77 27.72
CA GLU A 736 -19.81 -19.30 27.93
C GLU A 736 -19.84 -20.82 27.94
N GLY A 737 -18.94 -21.46 27.18
CA GLY A 737 -18.96 -22.90 27.05
C GLY A 737 -17.93 -23.64 27.87
N CYS A 738 -16.69 -23.14 27.89
CA CYS A 738 -15.61 -23.81 28.60
C CYS A 738 -15.42 -23.27 30.01
N GLY A 739 -15.62 -21.97 30.22
CA GLY A 739 -15.47 -21.37 31.53
C GLY A 739 -14.10 -20.82 31.84
N SER A 740 -13.19 -20.78 30.86
CA SER A 740 -11.85 -20.24 31.09
C SER A 740 -11.92 -18.77 31.44
N GLN A 741 -11.16 -18.37 32.47
CA GLN A 741 -11.14 -17.00 32.97
C GLN A 741 -9.82 -16.34 32.63
N ALA A 742 -9.31 -16.61 31.43
CA ALA A 742 -8.04 -16.03 30.98
C ALA A 742 -8.27 -14.64 30.39
N GLN A 743 -7.27 -14.11 29.71
CA GLN A 743 -7.35 -12.80 29.08
C GLN A 743 -7.67 -12.93 27.60
N VAL A 744 -8.27 -11.87 27.05
CA VAL A 744 -8.72 -11.86 25.66
C VAL A 744 -7.51 -12.03 24.74
N ASP A 745 -6.38 -11.45 25.11
CA ASP A 745 -5.16 -11.57 24.33
C ASP A 745 -4.74 -13.03 24.24
N GLU A 746 -4.80 -13.74 25.36
CA GLU A 746 -4.54 -15.17 25.35
C GLU A 746 -5.60 -15.90 24.53
N ASN A 747 -6.87 -15.52 24.67
CA ASN A 747 -7.95 -16.15 23.92
C ASN A 747 -7.77 -15.98 22.42
N ALA A 748 -7.56 -14.75 21.97
CA ALA A 748 -7.39 -14.49 20.54
C ALA A 748 -6.16 -15.18 20.00
N ALA A 749 -5.05 -15.15 20.74
CA ALA A 749 -3.80 -15.72 20.25
C ALA A 749 -3.87 -17.25 20.21
N ARG A 750 -4.43 -17.87 21.25
CA ARG A 750 -4.50 -19.32 21.28
C ARG A 750 -5.41 -19.86 20.17
N VAL A 751 -6.48 -19.13 19.86
CA VAL A 751 -7.34 -19.53 18.74
C VAL A 751 -6.57 -19.46 17.43
N LEU A 752 -5.93 -18.33 17.17
CA LEU A 752 -5.20 -18.15 15.91
C LEU A 752 -4.11 -19.19 15.73
N GLY A 753 -3.44 -19.56 16.84
CA GLY A 753 -2.50 -20.66 16.78
C GLY A 753 -3.17 -21.96 16.40
N ARG A 754 -4.36 -22.22 16.95
CA ARG A 754 -5.09 -23.45 16.64
C ARG A 754 -5.72 -23.38 15.25
N VAL A 755 -5.93 -22.19 14.71
CA VAL A 755 -6.41 -22.07 13.33
C VAL A 755 -5.37 -22.62 12.36
N PHE A 756 -4.08 -22.41 12.68
CA PHE A 756 -3.02 -22.99 11.85
C PHE A 756 -3.12 -24.51 11.83
N TRP A 757 -3.40 -25.12 12.97
CA TRP A 757 -3.68 -26.55 13.04
C TRP A 757 -5.11 -26.82 12.56
N GLY A 758 -5.45 -28.11 12.51
CA GLY A 758 -6.79 -28.51 12.10
C GLY A 758 -7.84 -28.45 13.18
N GLU A 759 -7.45 -28.11 14.42
CA GLU A 759 -8.40 -28.10 15.52
C GLU A 759 -9.49 -27.05 15.33
N ILE A 760 -9.11 -25.85 14.87
CA ILE A 760 -10.05 -24.77 14.64
C ILE A 760 -9.92 -24.30 13.20
N GLU A 761 -11.07 -24.03 12.58
CA GLU A 761 -11.13 -23.58 11.20
C GLU A 761 -12.05 -22.37 11.12
N LEU A 762 -12.15 -21.79 9.92
CA LEU A 762 -12.99 -20.63 9.71
C LEU A 762 -14.47 -21.00 9.89
N PRO A 763 -15.27 -20.10 10.48
CA PRO A 763 -16.70 -20.40 10.64
C PRO A 763 -17.42 -20.62 9.33
N THR A 764 -17.02 -19.92 8.26
CA THR A 764 -17.66 -20.00 6.94
C THR A 764 -19.16 -19.80 7.05
N ALA A 765 -19.56 -18.80 7.84
CA ALA A 765 -20.97 -18.47 8.05
C ALA A 765 -21.36 -17.20 7.32
N ILE A 766 -20.59 -16.80 6.31
CA ILE A 766 -20.91 -15.59 5.54
C ILE A 766 -22.26 -15.70 4.86
N PRO A 767 -22.59 -16.80 4.13
CA PRO A 767 -23.94 -16.83 3.55
C PRO A 767 -25.03 -17.08 4.58
#